data_3KEZ
#
_entry.id   3KEZ
#
_cell.length_a   88.498
_cell.length_b   91.088
_cell.length_c   117.861
_cell.angle_alpha   90.000
_cell.angle_beta   90.000
_cell.angle_gamma   90.000
#
_symmetry.space_group_name_H-M   'P 21 21 21'
#
loop_
_entity.id
_entity.type
_entity.pdbx_description
1 polymer 'Putative sugar binding protein'
2 non-polymer 'CALCIUM ION'
3 non-polymer 'PHOSPHATE ION'
4 non-polymer 1,2-ETHANEDIOL
5 water water
#
_entity_poly.entity_id   1
_entity_poly.type   'polypeptide(L)'
_entity_poly.pdbx_seq_one_letter_code
;GWLDLAPSTQVDTETSINVLSDIEFTLNGIYST(MSE)QSSDAYSGRLVYYGDVTGDD(MSE)QAVSSTKRTGNYYRFNF
TKDNGPSSHWSYLYSIIQNCNLIL(MSE)NVDKLSIDEDETEYKNDLKGQALAIRG(MSE)ALFDLTRIFGYPYLKDNGA
SLGVPIVKELSTIDSKPARNTVAECYTEIISDLKNSTELLSGDFNKGKVNRWAA(MSE)TLLSRVYLYKGEYNEALT
(MSE)AENAIKGAEKEGYALWTNEEYPTAWGNDASASNPGEILFEIVNLTTDSPGKES(MSE)GYLNSYNGYDD(MSE)C
ITCSFYQLLKKDPKDVRLKILSFDKKYYAYVNKYQPQQGENITDANIPLIRLSEAYLNAAEAAVQTGDNAKAVKYLNSIV
QRANPENSVEGKTLTLENVLDERRKELVAEGHR(MSE)YDVIRNG(MSE)TVKRIDVKDSDINKTKHNTAY(MSE)EYDW
NFHKILLPIPKKE(MSE)DANPN(MSE)KQNPGYVD
;
_entity_poly.pdbx_strand_id   A,B
#
# COMPACT_ATOMS: atom_id res chain seq x y z
N GLU A 14 -21.59 -49.89 19.71
CA GLU A 14 -22.74 -48.95 19.79
C GLU A 14 -22.35 -47.51 19.46
N THR A 15 -21.42 -47.38 18.51
CA THR A 15 -20.99 -46.09 18.01
C THR A 15 -21.07 -46.04 16.48
N SER A 16 -20.75 -44.89 15.91
CA SER A 16 -21.01 -44.65 14.49
C SER A 16 -19.90 -45.07 13.53
N ILE A 17 -18.68 -45.32 14.00
CA ILE A 17 -17.60 -45.73 13.10
C ILE A 17 -17.13 -47.13 13.52
N ASN A 18 -17.36 -48.10 12.64
CA ASN A 18 -16.92 -49.45 12.83
C ASN A 18 -16.04 -49.96 11.69
N VAL A 19 -16.28 -49.49 10.47
CA VAL A 19 -15.55 -49.95 9.29
C VAL A 19 -15.21 -48.73 8.44
N LEU A 20 -14.30 -48.89 7.49
CA LEU A 20 -13.85 -47.76 6.68
C LEU A 20 -14.97 -47.02 5.98
N SER A 21 -15.94 -47.76 5.48
CA SER A 21 -16.99 -47.16 4.70
C SER A 21 -17.82 -46.19 5.55
N ASP A 22 -17.76 -46.34 6.87
CA ASP A 22 -18.37 -45.34 7.77
C ASP A 22 -17.64 -44.01 7.69
N ILE A 23 -16.32 -44.07 7.50
CA ILE A 23 -15.52 -42.86 7.33
C ILE A 23 -15.95 -42.21 6.03
N GLU A 24 -16.10 -43.02 4.98
CA GLU A 24 -16.49 -42.49 3.67
C GLU A 24 -17.87 -41.85 3.76
N PHE A 25 -18.77 -42.48 4.50
CA PHE A 25 -20.11 -41.94 4.74
C PHE A 25 -20.06 -40.62 5.49
N THR A 26 -19.20 -40.55 6.49
CA THR A 26 -19.06 -39.32 7.24
C THR A 26 -18.50 -38.22 6.34
N LEU A 27 -17.51 -38.54 5.48
CA LEU A 27 -16.95 -37.51 4.57
C LEU A 27 -18.02 -37.02 3.59
N ASN A 28 -18.83 -37.94 3.08
CA ASN A 28 -19.87 -37.56 2.16
C ASN A 28 -20.82 -36.56 2.80
N GLY A 29 -21.20 -36.79 4.05
CA GLY A 29 -21.98 -35.83 4.80
C GLY A 29 -21.30 -34.48 4.91
N ILE A 30 -19.98 -34.49 5.17
CA ILE A 30 -19.22 -33.24 5.30
C ILE A 30 -19.30 -32.44 3.96
N TYR A 31 -19.01 -33.11 2.85
CA TYR A 31 -19.01 -32.45 1.55
C TYR A 31 -20.42 -31.95 1.25
N SER A 32 -21.45 -32.70 1.63
CA SER A 32 -22.83 -32.27 1.38
CA SER A 32 -22.83 -32.24 1.37
C SER A 32 -23.13 -30.97 2.17
N THR A 33 -22.66 -30.92 3.41
CA THR A 33 -22.75 -29.70 4.23
C THR A 33 -22.02 -28.50 3.60
N GLN A 35 -21.48 -27.97 0.52
CA GLN A 35 -22.25 -27.57 -0.67
C GLN A 35 -23.38 -26.56 -0.42
N SER A 36 -23.78 -26.37 0.83
CA SER A 36 -24.90 -25.46 1.12
C SER A 36 -24.58 -24.04 0.68
N SER A 37 -25.61 -23.30 0.27
CA SER A 37 -25.43 -21.88 -0.02
C SER A 37 -25.07 -21.09 1.25
N ASP A 38 -25.33 -21.66 2.42
CA ASP A 38 -24.86 -21.06 3.67
C ASP A 38 -23.40 -21.39 3.94
N ALA A 39 -22.82 -22.33 3.20
CA ALA A 39 -21.41 -22.68 3.34
C ALA A 39 -20.69 -22.29 2.05
N TYR A 40 -20.03 -23.25 1.41
CA TYR A 40 -19.14 -22.95 0.30
C TYR A 40 -19.82 -22.78 -1.07
N SER A 41 -21.13 -22.91 -1.14
CA SER A 41 -21.82 -22.54 -2.38
C SER A 41 -22.35 -21.11 -2.30
N GLY A 42 -22.05 -20.38 -1.22
CA GLY A 42 -22.52 -19.00 -1.12
C GLY A 42 -21.78 -18.15 -0.11
N ARG A 43 -22.31 -18.12 1.10
CA ARG A 43 -21.89 -17.14 2.11
C ARG A 43 -20.42 -17.14 2.41
N LEU A 44 -19.80 -18.32 2.44
CA LEU A 44 -18.36 -18.40 2.75
C LEU A 44 -17.51 -17.93 1.58
N VAL A 45 -18.08 -17.94 0.38
CA VAL A 45 -17.35 -17.45 -0.76
C VAL A 45 -17.49 -15.95 -0.90
N TYR A 46 -18.72 -15.43 -0.92
CA TYR A 46 -18.86 -14.04 -1.24
C TYR A 46 -18.36 -13.07 -0.17
N TYR A 47 -18.25 -13.54 1.06
CA TYR A 47 -17.89 -12.65 2.20
C TYR A 47 -16.68 -11.75 1.85
N GLY A 48 -15.60 -12.36 1.39
CA GLY A 48 -14.38 -11.61 1.14
C GLY A 48 -14.43 -10.69 -0.08
N ASP A 49 -15.47 -10.83 -0.91
CA ASP A 49 -15.61 -9.96 -2.08
C ASP A 49 -16.42 -8.69 -1.75
N VAL A 50 -17.61 -8.85 -1.17
CA VAL A 50 -18.49 -7.69 -0.98
C VAL A 50 -18.08 -6.84 0.21
N THR A 51 -17.23 -7.36 1.08
CA THR A 51 -16.60 -6.54 2.11
C THR A 51 -15.29 -5.85 1.63
N GLY A 52 -14.92 -6.05 0.36
CA GLY A 52 -13.80 -5.38 -0.27
C GLY A 52 -14.14 -4.14 -1.06
N ASP A 53 -13.27 -3.84 -2.02
CA ASP A 53 -13.38 -2.70 -2.91
C ASP A 53 -13.72 -3.00 -4.37
N ASP A 54 -13.77 -4.29 -4.74
CA ASP A 54 -13.85 -4.70 -6.16
C ASP A 54 -15.21 -5.25 -6.57
N GLN A 56 -19.59 -5.25 -4.95
CA GLN A 56 -20.52 -4.61 -4.04
C GLN A 56 -21.85 -5.30 -4.16
N ALA A 57 -22.72 -5.11 -3.18
CA ALA A 57 -24.14 -5.41 -3.33
C ALA A 57 -24.72 -4.50 -4.40
N VAL A 58 -25.60 -5.06 -5.21
CA VAL A 58 -26.28 -4.28 -6.24
C VAL A 58 -27.23 -3.27 -5.62
N SER A 59 -27.74 -3.60 -4.44
CA SER A 59 -28.58 -2.70 -3.66
C SER A 59 -28.53 -3.10 -2.19
N SER A 60 -29.03 -2.23 -1.32
CA SER A 60 -29.01 -2.48 0.12
C SER A 60 -29.86 -3.65 0.56
N THR A 61 -30.87 -3.99 -0.23
CA THR A 61 -31.83 -5.04 0.10
C THR A 61 -31.46 -6.42 -0.50
N LYS A 62 -30.31 -6.50 -1.17
CA LYS A 62 -29.82 -7.77 -1.71
C LYS A 62 -29.30 -8.73 -0.63
N ARG A 63 -29.17 -10.01 -0.94
CA ARG A 63 -28.62 -10.92 0.08
C ARG A 63 -27.26 -10.45 0.63
N THR A 64 -26.45 -9.82 -0.21
CA THR A 64 -25.09 -9.33 0.16
C THR A 64 -25.08 -7.94 0.80
N GLY A 65 -26.25 -7.32 0.86
CA GLY A 65 -26.37 -5.92 1.25
C GLY A 65 -25.78 -5.65 2.62
N ASN A 66 -26.21 -6.42 3.63
CA ASN A 66 -25.76 -6.19 5.01
C ASN A 66 -24.25 -6.47 5.22
N TYR A 67 -23.70 -7.41 4.44
CA TYR A 67 -22.23 -7.63 4.44
C TYR A 67 -21.48 -6.44 3.82
N TYR A 68 -21.90 -6.04 2.61
CA TYR A 68 -21.30 -4.86 1.89
C TYR A 68 -21.38 -3.57 2.74
N ARG A 69 -22.51 -3.35 3.38
CA ARG A 69 -22.75 -2.15 4.15
C ARG A 69 -22.19 -2.20 5.59
N PHE A 70 -21.62 -3.35 5.96
CA PHE A 70 -21.24 -3.64 7.34
C PHE A 70 -22.35 -3.24 8.29
N ASN A 71 -23.54 -3.77 8.04
CA ASN A 71 -24.74 -3.36 8.73
C ASN A 71 -25.16 -4.32 9.84
N PHE A 72 -24.35 -5.31 10.20
CA PHE A 72 -24.77 -6.26 11.25
C PHE A 72 -24.46 -5.77 12.65
N THR A 73 -25.29 -6.20 13.59
CA THR A 73 -25.05 -5.92 14.99
CA THR A 73 -25.11 -5.91 15.02
C THR A 73 -25.00 -7.23 15.75
N LYS A 74 -24.64 -7.17 17.03
CA LYS A 74 -24.63 -8.42 17.81
C LYS A 74 -26.02 -9.07 17.88
N ASP A 75 -27.06 -8.28 17.71
CA ASP A 75 -28.38 -8.83 17.85
C ASP A 75 -28.87 -9.42 16.55
N ASN A 76 -28.34 -9.01 15.40
CA ASN A 76 -28.88 -9.54 14.14
C ASN A 76 -27.89 -10.22 13.22
N GLY A 77 -26.66 -10.36 13.68
CA GLY A 77 -25.63 -10.94 12.87
C GLY A 77 -25.94 -12.38 12.49
N PRO A 78 -25.43 -12.82 11.33
CA PRO A 78 -25.72 -14.18 10.88
C PRO A 78 -25.11 -15.25 11.78
N SER A 79 -25.71 -16.42 11.81
CA SER A 79 -25.15 -17.56 12.55
C SER A 79 -24.62 -18.72 11.72
N SER A 80 -24.90 -18.73 10.41
CA SER A 80 -24.59 -19.85 9.54
C SER A 80 -23.10 -20.16 9.39
N HIS A 81 -22.28 -19.10 9.30
CA HIS A 81 -20.85 -19.28 9.16
C HIS A 81 -20.37 -20.10 10.33
N TRP A 82 -20.75 -19.65 11.53
CA TRP A 82 -20.37 -20.32 12.78
C TRP A 82 -20.85 -21.79 12.86
N SER A 83 -22.17 -21.97 12.69
CA SER A 83 -22.81 -23.28 12.84
CA SER A 83 -22.83 -23.27 12.83
C SER A 83 -22.35 -24.28 11.79
N TYR A 84 -22.25 -23.85 10.53
CA TYR A 84 -21.86 -24.76 9.46
C TYR A 84 -20.38 -25.19 9.62
N LEU A 85 -19.51 -24.24 9.90
CA LEU A 85 -18.09 -24.58 10.06
C LEU A 85 -17.85 -25.49 11.28
N TYR A 86 -18.54 -25.25 12.41
CA TYR A 86 -18.37 -26.09 13.57
C TYR A 86 -19.02 -27.46 13.36
N SER A 87 -20.11 -27.50 12.61
CA SER A 87 -20.68 -28.80 12.19
C SER A 87 -19.67 -29.65 11.40
N ILE A 88 -19.08 -29.05 10.38
CA ILE A 88 -18.03 -29.65 9.59
C ILE A 88 -16.85 -30.14 10.48
N ILE A 89 -16.32 -29.25 11.30
CA ILE A 89 -15.25 -29.63 12.26
C ILE A 89 -15.66 -30.82 13.17
N GLN A 90 -16.86 -30.80 13.71
CA GLN A 90 -17.30 -31.94 14.56
C GLN A 90 -17.22 -33.27 13.81
N ASN A 91 -17.65 -33.31 12.55
CA ASN A 91 -17.59 -34.56 11.77
C ASN A 91 -16.17 -34.97 11.34
N CYS A 92 -15.32 -33.97 11.12
CA CYS A 92 -13.91 -34.23 10.92
C CYS A 92 -13.31 -34.88 12.16
N ASN A 93 -13.61 -34.32 13.34
CA ASN A 93 -13.20 -34.90 14.63
C ASN A 93 -13.68 -36.31 14.82
N LEU A 94 -14.94 -36.56 14.47
CA LEU A 94 -15.49 -37.92 14.51
C LEU A 94 -14.60 -38.85 13.71
N ILE A 95 -14.24 -38.46 12.49
CA ILE A 95 -13.37 -39.28 11.67
C ILE A 95 -12.01 -39.45 12.34
N LEU A 96 -11.44 -38.34 12.78
CA LEU A 96 -10.03 -38.33 13.20
C LEU A 96 -9.84 -39.11 14.49
N ASN A 98 -11.33 -41.78 15.21
CA ASN A 98 -11.68 -43.18 14.98
C ASN A 98 -10.88 -43.86 13.90
N VAL A 99 -10.47 -43.10 12.90
CA VAL A 99 -9.90 -43.68 11.71
C VAL A 99 -8.66 -44.52 11.98
N ASP A 100 -7.83 -44.11 12.93
CA ASP A 100 -6.58 -44.87 13.19
C ASP A 100 -6.81 -46.13 14.03
N LYS A 101 -7.99 -46.27 14.61
CA LYS A 101 -8.33 -47.42 15.40
C LYS A 101 -8.84 -48.56 14.53
N LEU A 102 -9.25 -48.25 13.31
CA LEU A 102 -9.88 -49.27 12.45
C LEU A 102 -8.80 -50.19 11.95
N SER A 103 -8.93 -51.50 12.15
CA SER A 103 -7.98 -52.41 11.51
C SER A 103 -8.41 -52.62 10.04
N ILE A 104 -7.44 -52.51 9.15
CA ILE A 104 -7.69 -52.53 7.73
C ILE A 104 -6.68 -53.49 7.09
N ASP A 105 -6.87 -53.79 5.81
CA ASP A 105 -5.91 -54.59 5.06
C ASP A 105 -4.75 -53.72 4.59
N GLU A 106 -3.59 -54.34 4.40
CA GLU A 106 -2.41 -53.70 3.84
C GLU A 106 -2.77 -52.84 2.63
N ASP A 107 -3.55 -53.40 1.72
CA ASP A 107 -3.86 -52.69 0.47
C ASP A 107 -4.96 -51.61 0.59
N GLU A 108 -5.46 -51.37 1.80
CA GLU A 108 -6.39 -50.27 2.07
C GLU A 108 -5.68 -49.08 2.74
N THR A 109 -4.37 -49.18 2.92
CA THR A 109 -3.61 -48.20 3.72
C THR A 109 -3.60 -46.82 3.10
N GLU A 110 -3.24 -46.76 1.82
CA GLU A 110 -3.28 -45.49 1.05
C GLU A 110 -4.67 -44.85 1.04
N TYR A 111 -5.67 -45.67 0.76
CA TYR A 111 -7.04 -45.23 0.72
C TYR A 111 -7.40 -44.66 2.09
N LYS A 112 -7.11 -45.40 3.15
CA LYS A 112 -7.36 -44.89 4.51
C LYS A 112 -6.56 -43.63 4.78
N ASN A 113 -5.28 -43.61 4.38
CA ASN A 113 -4.50 -42.40 4.59
C ASN A 113 -5.14 -41.18 3.91
N ASP A 114 -5.67 -41.36 2.70
CA ASP A 114 -6.29 -40.24 1.99
C ASP A 114 -7.58 -39.76 2.68
N LEU A 115 -8.40 -40.71 3.14
CA LEU A 115 -9.61 -40.36 3.88
C LEU A 115 -9.24 -39.53 5.11
N LYS A 116 -8.24 -40.00 5.87
CA LYS A 116 -7.79 -39.23 7.03
C LYS A 116 -7.27 -37.87 6.61
N GLY A 117 -6.50 -37.82 5.53
CA GLY A 117 -6.02 -36.54 4.99
C GLY A 117 -7.12 -35.59 4.59
N GLN A 118 -8.17 -36.12 4.00
CA GLN A 118 -9.32 -35.26 3.65
C GLN A 118 -9.92 -34.60 4.89
N ALA A 119 -10.10 -35.37 5.95
CA ALA A 119 -10.65 -34.88 7.22
C ALA A 119 -9.76 -33.81 7.86
N LEU A 120 -8.45 -34.03 7.84
CA LEU A 120 -7.47 -33.06 8.33
C LEU A 120 -7.48 -31.75 7.50
N ALA A 121 -7.44 -31.86 6.17
CA ALA A 121 -7.48 -30.68 5.33
C ALA A 121 -8.75 -29.85 5.52
N ILE A 122 -9.89 -30.52 5.59
CA ILE A 122 -11.17 -29.91 5.80
C ILE A 122 -11.23 -29.23 7.17
N ARG A 123 -10.74 -29.88 8.23
CA ARG A 123 -10.73 -29.23 9.54
C ARG A 123 -9.87 -27.97 9.54
N GLY A 124 -8.71 -28.02 8.87
CA GLY A 124 -7.83 -26.86 8.75
C GLY A 124 -8.50 -25.72 7.98
N ALA A 126 -11.74 -25.29 7.59
CA ALA A 126 -12.91 -24.77 8.32
C ALA A 126 -12.46 -23.86 9.48
N LEU A 127 -11.43 -24.28 10.22
CA LEU A 127 -10.94 -23.46 11.32
C LEU A 127 -10.28 -22.18 10.76
N PHE A 128 -9.62 -22.26 9.62
CA PHE A 128 -9.06 -21.06 8.97
C PHE A 128 -10.17 -20.06 8.63
N ASP A 129 -11.28 -20.55 8.06
CA ASP A 129 -12.40 -19.66 7.76
C ASP A 129 -12.99 -19.05 9.02
N LEU A 130 -13.17 -19.83 10.07
CA LEU A 130 -13.69 -19.27 11.31
C LEU A 130 -12.72 -18.19 11.82
N THR A 131 -11.43 -18.44 11.72
CA THR A 131 -10.45 -17.54 12.31
C THR A 131 -10.37 -16.23 11.53
N ARG A 132 -10.41 -16.28 10.21
CA ARG A 132 -10.37 -15.04 9.43
C ARG A 132 -11.68 -14.24 9.43
N ILE A 133 -12.79 -14.93 9.63
CA ILE A 133 -14.11 -14.28 9.70
C ILE A 133 -14.33 -13.58 11.05
N PHE A 134 -13.92 -14.22 12.15
CA PHE A 134 -14.28 -13.78 13.49
C PHE A 134 -13.12 -13.18 14.32
N GLY A 135 -11.90 -13.26 13.81
CA GLY A 135 -10.70 -12.75 14.48
C GLY A 135 -9.86 -11.83 13.60
N TYR A 136 -9.25 -10.82 14.22
CA TYR A 136 -8.34 -9.92 13.52
C TYR A 136 -7.20 -10.70 12.83
N PRO A 137 -6.74 -10.21 11.67
CA PRO A 137 -5.64 -10.87 10.92
C PRO A 137 -4.42 -11.07 11.77
N TYR A 138 -3.77 -12.20 11.56
CA TYR A 138 -2.59 -12.62 12.30
C TYR A 138 -1.56 -11.50 12.41
N LEU A 139 -1.20 -10.91 11.27
CA LEU A 139 -0.12 -9.93 11.26
C LEU A 139 -0.43 -8.60 11.92
N LYS A 140 -1.67 -8.35 12.29
CA LYS A 140 -1.99 -7.17 13.12
C LYS A 140 -1.19 -7.17 14.44
N ASP A 141 -1.09 -8.34 15.06
CA ASP A 141 -0.44 -8.45 16.36
C ASP A 141 0.13 -9.84 16.61
N ASN A 142 0.62 -10.48 15.56
CA ASN A 142 1.11 -11.88 15.63
C ASN A 142 0.18 -12.85 16.30
N GLY A 143 -1.11 -12.74 15.97
CA GLY A 143 -2.14 -13.64 16.40
C GLY A 143 -2.50 -13.50 17.88
N ALA A 144 -2.20 -12.36 18.49
CA ALA A 144 -2.52 -12.13 19.89
C ALA A 144 -4.03 -11.91 20.13
N SER A 145 -4.75 -11.41 19.17
CA SER A 145 -6.21 -11.26 19.29
C SER A 145 -6.92 -12.61 19.46
N LEU A 146 -8.19 -12.53 19.79
CA LEU A 146 -9.03 -13.70 19.92
C LEU A 146 -9.41 -14.25 18.54
N GLY A 147 -9.17 -15.54 18.33
CA GLY A 147 -9.72 -16.28 17.22
C GLY A 147 -11.08 -16.87 17.63
N VAL A 148 -11.19 -18.19 17.57
CA VAL A 148 -12.40 -18.93 17.96
C VAL A 148 -11.99 -20.13 18.81
N PRO A 149 -12.96 -20.84 19.41
CA PRO A 149 -12.59 -22.06 20.09
C PRO A 149 -12.07 -23.16 19.18
N ILE A 150 -10.96 -23.75 19.59
CA ILE A 150 -10.38 -24.91 18.93
C ILE A 150 -11.12 -26.10 19.57
N VAL A 151 -11.86 -26.81 18.75
CA VAL A 151 -12.64 -27.96 19.16
C VAL A 151 -12.10 -29.16 18.41
N LYS A 152 -11.52 -30.10 19.13
CA LYS A 152 -10.88 -31.25 18.51
C LYS A 152 -11.51 -32.58 18.91
N GLU A 153 -12.47 -32.53 19.84
CA GLU A 153 -13.23 -33.72 20.20
C GLU A 153 -14.74 -33.48 19.92
N LEU A 154 -15.60 -34.36 20.43
CA LEU A 154 -17.00 -34.28 20.11
C LEU A 154 -17.72 -33.48 21.19
N SER A 155 -18.56 -32.57 20.76
CA SER A 155 -19.36 -31.73 21.64
C SER A 155 -20.47 -32.49 22.37
N THR A 156 -20.77 -32.05 23.59
CA THR A 156 -21.93 -32.52 24.35
C THR A 156 -22.67 -31.29 24.80
N ILE A 157 -23.80 -31.49 25.48
CA ILE A 157 -24.55 -30.36 26.06
C ILE A 157 -23.76 -29.52 27.09
N ASP A 158 -22.67 -30.06 27.61
CA ASP A 158 -21.85 -29.43 28.63
C ASP A 158 -20.66 -28.62 28.05
N SER A 159 -20.48 -28.65 26.73
CA SER A 159 -19.31 -28.02 26.09
C SER A 159 -19.46 -26.51 26.03
N LYS A 160 -18.62 -25.79 26.78
CA LYS A 160 -18.72 -24.34 26.83
C LYS A 160 -17.34 -23.67 26.70
N PRO A 161 -16.69 -23.89 25.55
CA PRO A 161 -15.32 -23.44 25.39
C PRO A 161 -15.22 -21.92 25.20
N ALA A 162 -14.10 -21.39 25.65
CA ALA A 162 -13.73 -19.99 25.43
C ALA A 162 -12.95 -19.93 24.10
N ARG A 163 -12.82 -18.72 23.58
CA ARG A 163 -12.13 -18.49 22.34
C ARG A 163 -10.62 -18.66 22.57
N ASN A 164 -9.96 -19.42 21.71
CA ASN A 164 -8.48 -19.42 21.69
C ASN A 164 -7.96 -18.18 20.94
N THR A 165 -6.65 -17.97 20.94
CA THR A 165 -6.12 -16.83 20.23
C THR A 165 -6.01 -17.15 18.75
N VAL A 166 -5.91 -16.10 17.96
CA VAL A 166 -5.67 -16.26 16.53
C VAL A 166 -4.37 -17.10 16.32
N ALA A 167 -3.31 -16.83 17.11
CA ALA A 167 -2.05 -17.61 17.02
C ALA A 167 -2.29 -19.10 17.28
N GLU A 168 -3.04 -19.43 18.32
CA GLU A 168 -3.29 -20.84 18.67
C GLU A 168 -4.06 -21.52 17.56
N CYS A 169 -5.01 -20.79 16.99
CA CYS A 169 -5.78 -21.33 15.87
C CYS A 169 -4.90 -21.64 14.66
N TYR A 170 -3.98 -20.74 14.32
CA TYR A 170 -3.06 -20.95 13.19
C TYR A 170 -2.19 -22.17 13.43
N THR A 171 -1.75 -22.37 14.68
CA THR A 171 -0.97 -23.56 15.01
C THR A 171 -1.73 -24.82 14.59
N GLU A 172 -3.03 -24.86 14.91
CA GLU A 172 -3.91 -26.02 14.60
C GLU A 172 -4.18 -26.14 13.11
N ILE A 173 -4.44 -24.99 12.47
CA ILE A 173 -4.72 -24.91 11.03
C ILE A 173 -3.53 -25.49 10.27
N ILE A 174 -2.34 -24.98 10.59
CA ILE A 174 -1.11 -25.38 9.87
C ILE A 174 -0.80 -26.86 10.17
N SER A 175 -0.94 -27.27 11.42
CA SER A 175 -0.70 -28.66 11.75
C SER A 175 -1.60 -29.61 10.97
N ASP A 176 -2.91 -29.32 10.92
CA ASP A 176 -3.85 -30.17 10.18
C ASP A 176 -3.49 -30.20 8.70
N LEU A 177 -3.30 -29.02 8.12
CA LEU A 177 -3.03 -28.96 6.68
C LEU A 177 -1.72 -29.59 6.29
N LYS A 178 -0.68 -29.32 7.08
CA LYS A 178 0.62 -29.91 6.77
C LYS A 178 0.55 -31.43 6.77
N ASN A 179 -0.07 -31.95 7.80
CA ASN A 179 -0.28 -33.39 7.94
C ASN A 179 -1.13 -33.95 6.81
N SER A 180 -2.15 -33.22 6.38
CA SER A 180 -2.98 -33.65 5.26
C SER A 180 -2.16 -33.77 3.98
N THR A 181 -1.14 -32.92 3.80
CA THR A 181 -0.31 -32.94 2.54
C THR A 181 0.57 -34.18 2.47
N GLU A 182 0.78 -34.83 3.61
CA GLU A 182 1.56 -36.02 3.68
C GLU A 182 0.71 -37.29 3.58
N LEU A 183 -0.61 -37.14 3.71
CA LEU A 183 -1.54 -38.25 3.74
C LEU A 183 -2.45 -38.36 2.50
N LEU A 184 -2.89 -37.21 2.00
CA LEU A 184 -3.77 -37.14 0.85
C LEU A 184 -3.13 -37.68 -0.41
N SER A 185 -3.94 -38.31 -1.25
CA SER A 185 -3.49 -38.71 -2.59
C SER A 185 -3.36 -37.47 -3.48
N GLY A 186 -2.40 -37.49 -4.41
CA GLY A 186 -2.31 -36.52 -5.53
C GLY A 186 -3.18 -36.78 -6.75
N ASP A 187 -3.92 -37.89 -6.76
CA ASP A 187 -4.84 -38.19 -7.85
C ASP A 187 -5.96 -37.17 -7.97
N PHE A 188 -6.41 -36.95 -9.21
CA PHE A 188 -7.66 -36.22 -9.45
C PHE A 188 -8.80 -36.85 -8.64
N ASN A 189 -9.60 -36.03 -8.00
CA ASN A 189 -10.65 -36.51 -7.09
C ASN A 189 -11.78 -35.51 -7.08
N LYS A 190 -12.73 -35.79 -7.95
CA LYS A 190 -13.76 -34.85 -8.36
C LYS A 190 -14.63 -34.47 -7.19
N GLY A 191 -14.70 -33.19 -6.89
CA GLY A 191 -15.53 -32.74 -5.77
C GLY A 191 -14.95 -33.06 -4.40
N LYS A 192 -13.69 -33.52 -4.36
CA LYS A 192 -13.03 -33.82 -3.06
C LYS A 192 -11.67 -33.10 -2.95
N VAL A 193 -11.19 -32.91 -1.72
CA VAL A 193 -9.85 -32.34 -1.49
C VAL A 193 -8.78 -33.33 -1.78
N ASN A 194 -7.75 -32.90 -2.52
CA ASN A 194 -6.56 -33.73 -2.76
C ASN A 194 -5.25 -33.06 -2.32
N ARG A 195 -4.10 -33.72 -2.52
CA ARG A 195 -2.86 -33.17 -1.98
C ARG A 195 -2.58 -31.74 -2.46
N TRP A 196 -2.77 -31.49 -3.74
CA TRP A 196 -2.41 -30.22 -4.35
C TRP A 196 -3.32 -29.08 -3.90
N ALA A 197 -4.63 -29.36 -3.78
CA ALA A 197 -5.56 -28.41 -3.15
C ALA A 197 -5.11 -28.06 -1.73
N ALA A 198 -4.82 -29.07 -0.92
CA ALA A 198 -4.41 -28.79 0.48
C ALA A 198 -3.07 -28.01 0.55
N THR A 200 -1.98 -25.88 -1.72
CA THR A 200 -2.29 -24.52 -2.15
C THR A 200 -2.92 -23.73 -1.01
N LEU A 201 -3.89 -24.33 -0.31
CA LEU A 201 -4.54 -23.65 0.85
C LEU A 201 -3.48 -23.38 1.91
N LEU A 202 -2.63 -24.37 2.16
CA LEU A 202 -1.63 -24.23 3.22
C LEU A 202 -0.67 -23.06 2.87
N SER A 203 -0.32 -22.93 1.58
CA SER A 203 0.48 -21.78 1.14
C SER A 203 -0.20 -20.46 1.40
N ARG A 204 -1.50 -20.40 1.20
CA ARG A 204 -2.26 -19.20 1.55
C ARG A 204 -2.18 -18.94 3.04
N VAL A 205 -2.37 -19.98 3.84
CA VAL A 205 -2.39 -19.82 5.28
C VAL A 205 -1.02 -19.29 5.74
N TYR A 206 0.07 -19.84 5.20
CA TYR A 206 1.40 -19.30 5.50
C TYR A 206 1.56 -17.83 5.12
N LEU A 207 0.99 -17.39 3.99
CA LEU A 207 1.09 -15.95 3.61
C LEU A 207 0.43 -15.11 4.65
N TYR A 208 -0.78 -15.51 5.06
CA TYR A 208 -1.53 -14.72 6.10
C TYR A 208 -0.77 -14.59 7.40
N LYS A 209 -0.02 -15.63 7.75
CA LYS A 209 0.84 -15.62 8.93
C LYS A 209 2.18 -14.93 8.72
N GLY A 210 2.53 -14.55 7.50
CA GLY A 210 3.85 -13.97 7.25
C GLY A 210 4.99 -14.97 7.21
N GLU A 211 4.67 -16.25 7.02
CA GLU A 211 5.71 -17.30 6.90
C GLU A 211 6.03 -17.54 5.43
N TYR A 212 6.76 -16.59 4.83
CA TYR A 212 6.92 -16.52 3.39
C TYR A 212 7.74 -17.63 2.80
N ASN A 213 8.81 -18.04 3.50
CA ASN A 213 9.57 -19.22 3.02
C ASN A 213 8.72 -20.47 2.89
N GLU A 214 7.91 -20.72 3.90
CA GLU A 214 7.04 -21.89 3.95
C GLU A 214 5.88 -21.71 2.92
N ALA A 215 5.34 -20.50 2.82
CA ALA A 215 4.36 -20.21 1.77
C ALA A 215 4.94 -20.58 0.38
N LEU A 216 6.18 -20.15 0.12
CA LEU A 216 6.79 -20.34 -1.18
C LEU A 216 7.02 -21.79 -1.49
N THR A 217 7.56 -22.52 -0.52
CA THR A 217 7.81 -23.94 -0.71
C THR A 217 6.54 -24.68 -1.02
N ALA A 219 3.59 -23.49 -2.22
CA ALA A 219 3.01 -23.07 -3.52
C ALA A 219 3.76 -23.69 -4.69
N GLU A 220 5.09 -23.67 -4.61
CA GLU A 220 5.91 -24.24 -5.66
C GLU A 220 5.70 -25.75 -5.80
N ASN A 221 5.60 -26.45 -4.68
CA ASN A 221 5.38 -27.90 -4.72
C ASN A 221 3.96 -28.24 -5.15
N ALA A 222 3.00 -27.40 -4.78
CA ALA A 222 1.60 -27.58 -5.22
C ALA A 222 1.54 -27.54 -6.75
N ILE A 223 2.26 -26.59 -7.33
CA ILE A 223 2.30 -26.43 -8.79
C ILE A 223 2.96 -27.61 -9.47
N LYS A 224 4.16 -27.98 -9.00
CA LYS A 224 4.93 -29.06 -9.62
CA LYS A 224 4.94 -29.06 -9.62
C LYS A 224 4.15 -30.38 -9.59
N GLY A 225 3.56 -30.67 -8.44
CA GLY A 225 2.75 -31.88 -8.28
C GLY A 225 1.48 -31.91 -9.10
N ALA A 226 0.71 -30.81 -9.05
CA ALA A 226 -0.56 -30.74 -9.81
C ALA A 226 -0.26 -30.84 -11.30
N GLU A 227 0.76 -30.13 -11.76
CA GLU A 227 1.07 -30.19 -13.21
C GLU A 227 1.60 -31.58 -13.62
N LYS A 228 2.39 -32.27 -12.79
CA LYS A 228 2.74 -33.67 -13.10
C LYS A 228 1.48 -34.55 -13.21
N GLU A 229 0.48 -34.22 -12.41
CA GLU A 229 -0.79 -34.94 -12.42
C GLU A 229 -1.67 -34.58 -13.64
N GLY A 230 -1.32 -33.52 -14.39
CA GLY A 230 -2.02 -33.14 -15.61
C GLY A 230 -2.92 -31.92 -15.50
N TYR A 231 -2.96 -31.32 -14.32
CA TYR A 231 -3.62 -30.04 -14.17
C TYR A 231 -2.78 -29.00 -14.91
N ALA A 232 -3.42 -27.98 -15.45
CA ALA A 232 -2.71 -26.94 -16.15
C ALA A 232 -3.58 -25.72 -16.06
N LEU A 233 -2.94 -24.56 -15.97
CA LEU A 233 -3.63 -23.29 -16.07
C LEU A 233 -4.46 -23.29 -17.35
N TRP A 234 -5.70 -22.85 -17.23
CA TRP A 234 -6.57 -22.65 -18.41
C TRP A 234 -5.88 -21.70 -19.39
N THR A 235 -5.82 -22.09 -20.66
CA THR A 235 -5.23 -21.23 -21.67
C THR A 235 -6.05 -19.92 -21.84
N ASN A 236 -5.42 -18.93 -22.45
CA ASN A 236 -6.12 -17.70 -22.82
C ASN A 236 -7.39 -18.02 -23.62
N GLU A 237 -7.28 -18.94 -24.57
CA GLU A 237 -8.44 -19.40 -25.35
C GLU A 237 -9.55 -20.11 -24.57
N GLU A 238 -9.17 -20.94 -23.60
CA GLU A 238 -10.11 -21.68 -22.76
C GLU A 238 -10.82 -20.80 -21.73
N TYR A 239 -10.13 -19.77 -21.27
CA TYR A 239 -10.51 -19.07 -20.04
C TYR A 239 -11.98 -18.63 -19.98
N PRO A 240 -12.49 -18.01 -21.06
CA PRO A 240 -13.85 -17.48 -20.97
C PRO A 240 -14.93 -18.54 -20.70
N THR A 241 -14.72 -19.79 -21.13
CA THR A 241 -15.74 -20.83 -20.96
C THR A 241 -15.35 -22.03 -20.09
N ALA A 242 -14.09 -22.06 -19.63
CA ALA A 242 -13.55 -23.25 -18.96
C ALA A 242 -14.31 -23.51 -17.64
N TRP A 243 -14.81 -22.42 -17.06
CA TRP A 243 -15.61 -22.42 -15.85
C TRP A 243 -16.86 -23.32 -15.90
N GLY A 244 -17.40 -23.57 -17.10
CA GLY A 244 -18.58 -24.46 -17.26
C GLY A 244 -18.26 -25.87 -17.68
N ASN A 245 -16.98 -26.17 -17.94
CA ASN A 245 -16.54 -27.55 -18.23
C ASN A 245 -16.85 -28.46 -17.05
N ASP A 246 -16.87 -29.76 -17.30
CA ASP A 246 -16.96 -30.72 -16.23
C ASP A 246 -15.63 -31.48 -16.30
N ALA A 247 -14.72 -31.12 -15.39
CA ALA A 247 -13.36 -31.63 -15.39
C ALA A 247 -13.35 -33.12 -15.02
N SER A 248 -12.39 -33.86 -15.56
CA SER A 248 -12.18 -35.26 -15.22
C SER A 248 -10.68 -35.55 -15.15
N ALA A 249 -10.34 -36.78 -14.76
CA ALA A 249 -8.93 -37.16 -14.57
C ALA A 249 -8.15 -36.95 -15.86
N SER A 250 -8.76 -37.30 -17.01
CA SER A 250 -8.13 -37.07 -18.31
C SER A 250 -8.09 -35.62 -18.75
N ASN A 251 -8.99 -34.78 -18.23
CA ASN A 251 -8.94 -33.32 -18.49
C ASN A 251 -9.19 -32.53 -17.24
N PRO A 252 -8.20 -32.43 -16.35
CA PRO A 252 -8.51 -31.82 -15.04
C PRO A 252 -8.75 -30.33 -15.02
N GLY A 253 -8.28 -29.63 -16.06
CA GLY A 253 -8.27 -28.19 -15.99
C GLY A 253 -7.36 -27.70 -14.87
N GLU A 254 -7.79 -26.63 -14.21
CA GLU A 254 -6.97 -26.09 -13.15
C GLU A 254 -7.63 -26.07 -11.78
N ILE A 255 -8.89 -26.48 -11.67
CA ILE A 255 -9.52 -26.50 -10.33
C ILE A 255 -9.04 -27.70 -9.50
N LEU A 256 -8.42 -27.39 -8.38
CA LEU A 256 -7.82 -28.36 -7.50
C LEU A 256 -8.82 -28.82 -6.43
N PHE A 257 -9.78 -27.97 -6.11
CA PHE A 257 -10.89 -28.39 -5.27
C PHE A 257 -12.14 -27.68 -5.72
N GLU A 258 -13.11 -28.50 -6.13
CA GLU A 258 -14.36 -28.07 -6.73
C GLU A 258 -15.52 -28.49 -5.81
N ILE A 259 -16.41 -27.55 -5.45
CA ILE A 259 -17.70 -27.89 -4.88
C ILE A 259 -18.60 -28.27 -6.05
N VAL A 260 -19.10 -29.50 -6.03
CA VAL A 260 -19.99 -30.05 -7.06
C VAL A 260 -21.45 -29.89 -6.64
N ASN A 261 -22.18 -29.09 -7.41
CA ASN A 261 -23.61 -28.89 -7.26
C ASN A 261 -24.35 -29.54 -8.44
N LEU A 262 -25.46 -30.21 -8.17
CA LEU A 262 -26.17 -30.97 -9.24
C LEU A 262 -27.65 -30.59 -9.34
N THR A 263 -28.21 -30.67 -10.54
CA THR A 263 -29.66 -30.46 -10.73
C THR A 263 -30.47 -31.24 -9.68
N THR A 264 -30.00 -32.43 -9.33
CA THR A 264 -30.69 -33.33 -8.41
C THR A 264 -30.16 -33.23 -6.99
N ASP A 265 -29.33 -32.23 -6.75
CA ASP A 265 -28.70 -32.03 -5.45
C ASP A 265 -28.29 -30.57 -5.40
N SER A 266 -29.28 -29.68 -5.34
CA SER A 266 -29.09 -28.27 -5.63
C SER A 266 -28.92 -27.41 -4.36
N PRO A 267 -27.99 -26.44 -4.40
CA PRO A 267 -27.85 -25.52 -3.28
C PRO A 267 -28.92 -24.45 -3.23
N GLY A 268 -29.72 -24.33 -4.28
CA GLY A 268 -30.80 -23.34 -4.31
C GLY A 268 -30.37 -21.97 -4.80
N LYS A 269 -31.32 -21.05 -4.80
CA LYS A 269 -31.15 -19.73 -5.42
C LYS A 269 -30.24 -18.75 -4.66
N GLU A 270 -29.79 -19.12 -3.45
CA GLU A 270 -28.80 -18.28 -2.75
C GLU A 270 -27.35 -18.71 -3.03
N SER A 271 -27.17 -19.56 -4.04
CA SER A 271 -25.85 -20.01 -4.46
C SER A 271 -25.15 -18.94 -5.32
N GLY A 273 -23.95 -19.09 -8.23
CA GLY A 273 -24.45 -19.15 -9.59
C GLY A 273 -25.66 -18.27 -9.78
N TYR A 274 -26.54 -18.25 -8.78
CA TYR A 274 -27.74 -17.41 -8.86
C TYR A 274 -27.48 -15.97 -8.37
N LEU A 275 -26.55 -15.77 -7.43
CA LEU A 275 -26.33 -14.39 -6.94
C LEU A 275 -25.58 -13.55 -7.97
N ASN A 276 -24.72 -14.19 -8.76
CA ASN A 276 -23.80 -13.46 -9.65
C ASN A 276 -24.30 -13.46 -11.07
N SER A 277 -25.58 -13.11 -11.27
CA SER A 277 -26.18 -13.19 -12.60
C SER A 277 -27.41 -12.33 -12.67
N TYR A 278 -27.61 -11.68 -13.81
CA TYR A 278 -28.79 -10.85 -13.98
C TYR A 278 -29.99 -11.73 -14.35
N ASN A 279 -29.74 -13.02 -14.61
CA ASN A 279 -30.79 -14.04 -14.69
C ASN A 279 -31.04 -14.77 -13.37
N GLY A 280 -30.43 -14.30 -12.29
CA GLY A 280 -30.61 -14.92 -10.96
C GLY A 280 -31.21 -13.88 -10.02
N TYR A 281 -30.50 -13.52 -8.93
CA TYR A 281 -31.00 -12.52 -7.98
C TYR A 281 -30.40 -11.10 -8.18
N ASP A 282 -29.57 -10.90 -9.20
CA ASP A 282 -28.97 -9.58 -9.46
C ASP A 282 -28.36 -9.01 -8.17
N ASP A 283 -27.57 -9.81 -7.49
CA ASP A 283 -27.33 -9.56 -6.07
C ASP A 283 -26.01 -8.85 -5.84
N CYS A 285 -22.33 -7.35 -7.85
CA CYS A 285 -21.68 -7.00 -9.12
C CYS A 285 -20.28 -6.41 -8.87
N ILE A 286 -19.54 -6.16 -9.94
CA ILE A 286 -18.24 -5.50 -9.78
C ILE A 286 -18.46 -4.01 -9.51
N THR A 287 -17.53 -3.38 -8.78
CA THR A 287 -17.53 -1.94 -8.60
C THR A 287 -17.01 -1.25 -9.88
N CYS A 288 -17.35 0.02 -10.06
CA CYS A 288 -16.81 0.77 -11.20
C CYS A 288 -15.28 0.83 -11.21
N SER A 289 -14.72 1.07 -10.04
CA SER A 289 -13.26 1.13 -9.92
C SER A 289 -12.59 -0.19 -10.36
N PHE A 290 -13.20 -1.34 -10.05
CA PHE A 290 -12.61 -2.59 -10.48
C PHE A 290 -12.76 -2.80 -12.01
N TYR A 291 -13.94 -2.47 -12.54
CA TYR A 291 -14.14 -2.49 -13.99
C TYR A 291 -13.10 -1.61 -14.72
N GLN A 292 -12.87 -0.40 -14.20
CA GLN A 292 -11.88 0.49 -14.79
C GLN A 292 -10.43 -0.03 -14.70
N LEU A 293 -10.06 -0.60 -13.55
CA LEU A 293 -8.77 -1.31 -13.41
C LEU A 293 -8.63 -2.44 -14.43
N LEU A 294 -9.70 -3.25 -14.59
CA LEU A 294 -9.62 -4.43 -15.41
C LEU A 294 -9.52 -4.01 -16.88
N LYS A 295 -10.30 -3.01 -17.27
CA LYS A 295 -10.31 -2.62 -18.66
C LYS A 295 -9.15 -1.71 -19.09
N LYS A 296 -8.28 -1.31 -18.17
CA LYS A 296 -7.03 -0.63 -18.53
C LYS A 296 -6.33 -1.36 -19.67
N ASP A 297 -6.31 -2.70 -19.63
CA ASP A 297 -5.92 -3.52 -20.79
C ASP A 297 -7.17 -4.12 -21.43
N PRO A 298 -7.67 -3.53 -22.55
CA PRO A 298 -8.82 -4.09 -23.23
C PRO A 298 -8.63 -5.51 -23.79
N LYS A 299 -7.41 -6.03 -23.87
CA LYS A 299 -7.27 -7.42 -24.34
C LYS A 299 -7.16 -8.41 -23.21
N ASP A 300 -7.42 -7.96 -21.99
CA ASP A 300 -7.33 -8.83 -20.83
C ASP A 300 -8.44 -9.85 -20.95
N VAL A 301 -8.08 -11.14 -20.97
CA VAL A 301 -9.10 -12.19 -21.20
C VAL A 301 -10.16 -12.22 -20.09
N ARG A 302 -9.85 -11.70 -18.92
CA ARG A 302 -10.82 -11.74 -17.84
C ARG A 302 -12.00 -10.78 -18.05
N LEU A 303 -11.83 -9.78 -18.93
CA LEU A 303 -12.98 -8.99 -19.37
C LEU A 303 -14.06 -9.89 -19.98
N LYS A 304 -13.66 -11.02 -20.59
CA LYS A 304 -14.65 -11.88 -21.24
C LYS A 304 -15.47 -12.78 -20.31
N ILE A 305 -15.24 -12.70 -19.00
CA ILE A 305 -16.09 -13.40 -18.04
C ILE A 305 -17.00 -12.44 -17.28
N LEU A 306 -17.13 -11.24 -17.81
CA LEU A 306 -18.06 -10.26 -17.30
C LEU A 306 -19.34 -10.36 -18.11
N SER A 307 -20.46 -10.39 -17.41
CA SER A 307 -21.80 -10.45 -18.02
CA SER A 307 -21.78 -10.48 -18.00
C SER A 307 -22.49 -9.13 -17.71
N PHE A 308 -22.80 -8.36 -18.74
CA PHE A 308 -23.35 -7.02 -18.57
C PHE A 308 -24.88 -7.02 -18.68
N ASP A 309 -25.53 -6.49 -17.65
CA ASP A 309 -26.94 -6.21 -17.68
C ASP A 309 -27.12 -4.89 -18.40
N LYS A 310 -27.43 -4.94 -19.69
CA LYS A 310 -27.55 -3.76 -20.53
C LYS A 310 -26.29 -2.90 -20.36
N LYS A 311 -26.42 -1.61 -20.04
CA LYS A 311 -25.29 -0.78 -19.68
C LYS A 311 -25.42 -0.37 -18.22
N TYR A 312 -25.87 -1.30 -17.35
CA TYR A 312 -26.18 -0.95 -15.97
C TYR A 312 -25.23 -1.54 -14.92
N TYR A 313 -24.95 -2.84 -15.03
CA TYR A 313 -24.14 -3.60 -14.11
C TYR A 313 -23.34 -4.66 -14.87
N ALA A 314 -22.22 -5.06 -14.28
CA ALA A 314 -21.43 -6.15 -14.79
C ALA A 314 -21.29 -7.21 -13.70
N TYR A 315 -21.76 -8.41 -14.02
CA TYR A 315 -21.66 -9.54 -13.12
C TYR A 315 -20.44 -10.40 -13.47
N VAL A 316 -19.88 -11.08 -12.48
CA VAL A 316 -18.77 -11.98 -12.72
C VAL A 316 -19.32 -13.35 -13.07
N ASN A 317 -19.16 -13.72 -14.32
CA ASN A 317 -19.79 -14.92 -14.88
C ASN A 317 -18.85 -16.13 -14.74
N LYS A 318 -18.38 -16.39 -13.54
CA LYS A 318 -17.50 -17.54 -13.27
C LYS A 318 -18.27 -18.79 -12.87
N TYR A 319 -19.47 -18.59 -12.39
CA TYR A 319 -20.32 -19.69 -11.97
C TYR A 319 -21.20 -20.10 -13.14
N GLN A 320 -20.59 -20.83 -14.05
CA GLN A 320 -21.23 -21.23 -15.31
C GLN A 320 -21.80 -22.62 -15.10
N PRO A 321 -23.08 -22.78 -15.38
CA PRO A 321 -23.63 -24.12 -15.19
C PRO A 321 -22.97 -25.13 -16.14
N GLN A 322 -22.89 -26.37 -15.70
CA GLN A 322 -22.49 -27.50 -16.57
C GLN A 322 -23.65 -27.81 -17.53
N GLN A 323 -23.42 -28.66 -18.52
CA GLN A 323 -24.43 -28.79 -19.58
C GLN A 323 -25.73 -29.32 -19.05
N GLY A 324 -26.79 -28.64 -19.44
CA GLY A 324 -28.13 -29.01 -19.02
C GLY A 324 -28.56 -28.38 -17.72
N GLU A 325 -27.65 -27.73 -17.00
CA GLU A 325 -27.98 -27.25 -15.64
C GLU A 325 -28.48 -25.82 -15.62
N ASN A 326 -29.25 -25.49 -14.60
CA ASN A 326 -29.61 -24.11 -14.31
C ASN A 326 -28.37 -23.41 -13.71
N ILE A 327 -28.28 -22.09 -13.82
CA ILE A 327 -27.18 -21.35 -13.14
C ILE A 327 -27.16 -21.64 -11.63
N THR A 328 -28.31 -21.95 -11.05
CA THR A 328 -28.35 -22.30 -9.65
C THR A 328 -27.33 -23.39 -9.25
N ASP A 329 -27.08 -24.34 -10.15
CA ASP A 329 -26.31 -25.50 -9.82
C ASP A 329 -24.88 -25.44 -10.35
N ALA A 330 -24.40 -24.24 -10.67
CA ALA A 330 -23.01 -24.04 -11.02
C ALA A 330 -22.13 -24.51 -9.90
N ASN A 331 -21.06 -25.21 -10.27
CA ASN A 331 -20.02 -25.63 -9.34
C ASN A 331 -19.23 -24.43 -8.88
N ILE A 332 -18.58 -24.58 -7.73
CA ILE A 332 -17.75 -23.58 -7.12
C ILE A 332 -16.26 -23.94 -7.28
N PRO A 333 -15.50 -23.15 -8.05
CA PRO A 333 -14.07 -23.40 -8.22
C PRO A 333 -13.27 -22.89 -7.02
N LEU A 334 -13.40 -23.59 -5.90
CA LEU A 334 -13.01 -23.06 -4.60
C LEU A 334 -11.50 -22.84 -4.43
N ILE A 335 -10.71 -23.78 -4.94
CA ILE A 335 -9.24 -23.72 -5.01
C ILE A 335 -8.73 -24.03 -6.44
N ARG A 336 -7.97 -23.09 -7.01
CA ARG A 336 -7.47 -23.14 -8.36
C ARG A 336 -5.94 -23.07 -8.43
N LEU A 337 -5.36 -23.78 -9.43
CA LEU A 337 -3.92 -23.69 -9.69
C LEU A 337 -3.41 -22.26 -9.87
N SER A 338 -4.25 -21.38 -10.45
CA SER A 338 -3.89 -19.96 -10.60
C SER A 338 -3.51 -19.34 -9.25
N GLU A 339 -4.21 -19.71 -8.17
CA GLU A 339 -3.87 -19.20 -6.84
C GLU A 339 -2.49 -19.72 -6.38
N ALA A 340 -2.16 -20.99 -6.63
CA ALA A 340 -0.80 -21.43 -6.28
C ALA A 340 0.23 -20.55 -6.96
N TYR A 341 0.02 -20.21 -8.24
CA TYR A 341 0.97 -19.32 -8.93
C TYR A 341 1.09 -17.94 -8.23
N LEU A 342 -0.05 -17.35 -7.90
CA LEU A 342 -0.08 -16.04 -7.23
C LEU A 342 0.49 -16.09 -5.82
N ASN A 343 0.23 -17.17 -5.10
CA ASN A 343 0.88 -17.37 -3.80
C ASN A 343 2.39 -17.48 -3.91
N ALA A 344 2.91 -18.25 -4.88
CA ALA A 344 4.36 -18.34 -5.10
C ALA A 344 4.95 -16.99 -5.48
N ALA A 345 4.22 -16.22 -6.28
CA ALA A 345 4.69 -14.89 -6.69
C ALA A 345 4.81 -13.96 -5.51
N GLU A 346 3.79 -13.92 -4.67
CA GLU A 346 3.80 -13.11 -3.46
C GLU A 346 4.93 -13.51 -2.50
N ALA A 347 5.06 -14.80 -2.24
CA ALA A 347 6.10 -15.30 -1.34
C ALA A 347 7.51 -15.04 -1.90
N ALA A 348 7.66 -15.13 -3.22
CA ALA A 348 8.93 -14.78 -3.87
C ALA A 348 9.29 -13.31 -3.63
N VAL A 349 8.31 -12.42 -3.82
CA VAL A 349 8.54 -10.98 -3.60
C VAL A 349 8.96 -10.78 -2.16
N GLN A 350 8.19 -11.38 -1.25
CA GLN A 350 8.40 -11.16 0.17
C GLN A 350 9.69 -11.79 0.70
N THR A 351 10.30 -12.73 -0.05
CA THR A 351 11.61 -13.29 0.32
C THR A 351 12.75 -12.73 -0.54
N GLY A 352 12.47 -11.76 -1.39
CA GLY A 352 13.49 -11.06 -2.12
C GLY A 352 13.97 -11.78 -3.35
N ASP A 353 13.15 -12.68 -3.89
CA ASP A 353 13.58 -13.46 -5.09
C ASP A 353 12.79 -12.92 -6.27
N ASN A 354 13.29 -11.84 -6.87
CA ASN A 354 12.54 -11.21 -7.93
C ASN A 354 12.39 -12.09 -9.16
N ALA A 355 13.44 -12.83 -9.49
CA ALA A 355 13.45 -13.74 -10.64
C ALA A 355 12.30 -14.71 -10.61
N LYS A 356 12.10 -15.26 -9.43
CA LYS A 356 11.07 -16.24 -9.16
C LYS A 356 9.70 -15.58 -9.15
N ALA A 357 9.60 -14.36 -8.57
CA ALA A 357 8.33 -13.64 -8.60
C ALA A 357 7.90 -13.37 -10.03
N VAL A 358 8.82 -12.85 -10.85
CA VAL A 358 8.55 -12.62 -12.27
C VAL A 358 8.14 -13.92 -12.98
N LYS A 359 8.82 -15.04 -12.71
CA LYS A 359 8.49 -16.33 -13.33
C LYS A 359 7.02 -16.68 -13.07
N TYR A 360 6.63 -16.69 -11.80
CA TYR A 360 5.28 -17.13 -11.46
C TYR A 360 4.23 -16.12 -11.86
N LEU A 361 4.52 -14.83 -11.67
CA LEU A 361 3.54 -13.85 -12.00
C LEU A 361 3.32 -13.78 -13.49
N ASN A 362 4.38 -14.01 -14.27
CA ASN A 362 4.30 -13.88 -15.71
C ASN A 362 3.36 -14.93 -16.31
N SER A 363 3.28 -16.10 -15.70
CA SER A 363 2.37 -17.13 -16.15
C SER A 363 0.90 -16.62 -16.08
N ILE A 364 0.54 -15.93 -14.99
CA ILE A 364 -0.80 -15.36 -14.86
C ILE A 364 -0.99 -14.19 -15.83
N VAL A 365 -0.08 -13.22 -15.80
CA VAL A 365 -0.08 -12.07 -16.74
C VAL A 365 -0.23 -12.51 -18.20
N GLN A 366 0.64 -13.42 -18.65
CA GLN A 366 0.65 -13.81 -20.05
C GLN A 366 -0.55 -14.69 -20.47
N ARG A 367 -1.10 -15.47 -19.55
CA ARG A 367 -2.37 -16.16 -19.84
C ARG A 367 -3.54 -15.15 -20.05
N ALA A 368 -3.55 -14.05 -19.30
CA ALA A 368 -4.59 -13.03 -19.48
C ALA A 368 -4.39 -12.21 -20.79
N ASN A 369 -3.14 -12.02 -21.19
CA ASN A 369 -2.82 -11.34 -22.44
C ASN A 369 -1.37 -11.67 -22.80
N PRO A 370 -1.15 -12.49 -23.83
CA PRO A 370 0.22 -12.91 -24.13
C PRO A 370 1.15 -11.80 -24.60
N GLU A 371 0.62 -10.64 -24.98
CA GLU A 371 1.46 -9.52 -25.37
CA GLU A 371 1.42 -9.48 -25.38
C GLU A 371 2.07 -8.77 -24.18
N ASN A 372 1.59 -9.04 -22.96
CA ASN A 372 2.11 -8.38 -21.77
C ASN A 372 3.22 -9.23 -21.17
N SER A 373 4.08 -8.58 -20.39
CA SER A 373 5.15 -9.24 -19.62
C SER A 373 5.54 -8.38 -18.46
N VAL A 374 5.83 -9.02 -17.33
CA VAL A 374 6.44 -8.31 -16.22
C VAL A 374 7.97 -8.57 -16.14
N GLU A 375 8.54 -9.16 -17.18
CA GLU A 375 9.99 -9.37 -17.23
C GLU A 375 10.66 -8.01 -17.20
N GLY A 376 11.78 -7.91 -16.50
CA GLY A 376 12.47 -6.64 -16.29
C GLY A 376 11.93 -5.70 -15.20
N LYS A 377 10.88 -6.11 -14.50
CA LYS A 377 10.30 -5.29 -13.44
C LYS A 377 10.85 -5.81 -12.11
N THR A 378 11.00 -4.88 -11.17
CA THR A 378 11.23 -5.26 -9.78
C THR A 378 9.87 -5.25 -9.16
N LEU A 379 9.33 -6.46 -8.98
CA LEU A 379 7.95 -6.61 -8.54
C LEU A 379 7.78 -6.27 -7.06
N THR A 380 6.68 -5.59 -6.76
CA THR A 380 6.27 -5.21 -5.40
C THR A 380 5.08 -6.09 -4.91
N LEU A 381 4.82 -6.12 -3.61
CA LEU A 381 3.64 -6.77 -3.12
C LEU A 381 2.39 -6.21 -3.82
N GLU A 382 2.33 -4.90 -3.94
CA GLU A 382 1.16 -4.28 -4.54
C GLU A 382 0.94 -4.75 -5.99
N ASN A 383 2.03 -4.90 -6.75
CA ASN A 383 1.98 -5.43 -8.12
C ASN A 383 1.34 -6.81 -8.12
N VAL A 384 1.76 -7.66 -7.19
CA VAL A 384 1.24 -9.00 -7.09
C VAL A 384 -0.25 -9.03 -6.70
N LEU A 385 -0.60 -8.26 -5.69
CA LEU A 385 -2.01 -8.13 -5.28
C LEU A 385 -2.93 -7.51 -6.36
N ASP A 386 -2.42 -6.58 -7.13
CA ASP A 386 -3.13 -6.06 -8.28
C ASP A 386 -3.40 -7.08 -9.39
N GLU A 387 -2.45 -7.98 -9.66
CA GLU A 387 -2.76 -9.13 -10.49
C GLU A 387 -3.76 -10.11 -9.81
N ARG A 388 -3.53 -10.41 -8.54
CA ARG A 388 -4.39 -11.36 -7.81
C ARG A 388 -5.87 -10.92 -7.81
N ARG A 389 -6.14 -9.64 -7.59
CA ARG A 389 -7.51 -9.17 -7.56
C ARG A 389 -8.24 -9.33 -8.91
N LYS A 390 -7.51 -9.21 -10.01
CA LYS A 390 -8.09 -9.45 -11.34
C LYS A 390 -8.37 -10.91 -11.49
N GLU A 391 -7.45 -11.76 -11.05
CA GLU A 391 -7.61 -13.20 -11.20
C GLU A 391 -8.71 -13.82 -10.31
N LEU A 392 -8.86 -13.34 -9.07
CA LEU A 392 -9.66 -14.01 -8.08
C LEU A 392 -10.97 -13.29 -7.71
N VAL A 393 -11.35 -12.28 -8.48
CA VAL A 393 -12.61 -11.59 -8.30
C VAL A 393 -13.80 -12.60 -8.28
N ALA A 394 -14.63 -12.45 -7.23
CA ALA A 394 -15.87 -13.27 -6.99
C ALA A 394 -15.57 -14.68 -6.44
N GLU A 395 -14.31 -14.91 -6.04
CA GLU A 395 -13.88 -16.18 -5.45
C GLU A 395 -13.49 -16.03 -3.97
N GLY A 396 -13.77 -14.86 -3.38
CA GLY A 396 -13.76 -14.71 -1.94
C GLY A 396 -12.48 -14.28 -1.25
N HIS A 397 -11.60 -13.63 -2.00
CA HIS A 397 -10.26 -13.24 -1.50
C HIS A 397 -10.03 -11.76 -1.15
N ARG A 398 -10.63 -10.84 -1.90
CA ARG A 398 -10.08 -9.46 -1.93
C ARG A 398 -9.96 -8.78 -0.55
N TYR A 400 -9.78 -9.82 2.45
CA TYR A 400 -8.79 -10.45 3.30
C TYR A 400 -7.34 -10.11 2.85
N ASP A 401 -7.14 -10.09 1.53
CA ASP A 401 -5.81 -9.83 0.96
C ASP A 401 -5.31 -8.42 1.19
N VAL A 402 -6.20 -7.46 1.17
CA VAL A 402 -5.82 -6.11 1.55
C VAL A 402 -5.54 -6.06 3.07
N ILE A 403 -6.50 -6.52 3.84
CA ILE A 403 -6.53 -6.31 5.29
C ILE A 403 -5.34 -7.07 5.94
N ARG A 404 -5.03 -8.26 5.44
CA ARG A 404 -4.02 -9.12 6.06
C ARG A 404 -2.64 -8.53 5.96
N ASN A 405 -2.48 -7.68 4.95
CA ASN A 405 -1.22 -7.02 4.69
C ASN A 405 -1.10 -5.65 5.33
N GLY A 406 -1.99 -5.32 6.24
CA GLY A 406 -2.00 -4.00 6.86
C GLY A 406 -2.26 -2.86 5.91
N THR A 408 -5.14 -0.54 3.67
CA THR A 408 -6.47 0.04 3.86
C THR A 408 -7.34 -0.31 2.65
N VAL A 409 -8.51 -0.93 2.89
CA VAL A 409 -9.53 -1.07 1.84
C VAL A 409 -10.10 0.33 1.53
N LYS A 410 -10.01 0.73 0.27
CA LYS A 410 -10.51 2.07 -0.13
C LYS A 410 -11.50 1.90 -1.30
N ARG A 411 -12.80 1.96 -1.01
CA ARG A 411 -13.84 2.02 -2.02
C ARG A 411 -13.80 3.40 -2.69
N ILE A 412 -13.81 3.40 -4.02
CA ILE A 412 -13.65 4.63 -4.83
CA ILE A 412 -13.65 4.63 -4.83
C ILE A 412 -14.98 4.95 -5.52
N ASP A 413 -15.55 6.11 -5.26
CA ASP A 413 -16.84 6.35 -5.88
C ASP A 413 -16.63 7.00 -7.24
N VAL A 414 -16.24 6.20 -8.21
CA VAL A 414 -16.10 6.64 -9.59
C VAL A 414 -17.27 6.08 -10.39
N LYS A 415 -17.67 6.79 -11.44
CA LYS A 415 -18.74 6.33 -12.29
C LYS A 415 -18.22 5.81 -13.63
N ASP A 416 -19.02 4.95 -14.25
CA ASP A 416 -18.71 4.47 -15.60
C ASP A 416 -20.00 4.34 -16.39
N SER A 417 -20.01 4.86 -17.62
CA SER A 417 -21.20 4.83 -18.42
C SER A 417 -21.49 3.43 -19.01
N ASP A 418 -20.53 2.50 -18.97
CA ASP A 418 -20.81 1.11 -19.44
C ASP A 418 -21.61 0.34 -18.39
N ILE A 419 -21.56 0.78 -17.14
CA ILE A 419 -22.29 0.17 -16.04
C ILE A 419 -22.89 1.27 -15.18
N ASN A 420 -23.87 1.96 -15.78
CA ASN A 420 -24.29 3.27 -15.30
C ASN A 420 -25.20 3.24 -14.09
N LYS A 421 -25.60 2.05 -13.63
CA LYS A 421 -26.36 1.95 -12.38
C LYS A 421 -25.53 1.47 -11.20
N THR A 422 -24.25 1.20 -11.42
CA THR A 422 -23.39 0.71 -10.36
C THR A 422 -22.80 1.90 -9.60
N LYS A 423 -23.09 2.00 -8.32
CA LYS A 423 -22.54 3.10 -7.53
C LYS A 423 -22.48 2.64 -6.08
N HIS A 424 -21.50 3.14 -5.34
CA HIS A 424 -21.41 2.79 -3.92
C HIS A 424 -22.61 3.35 -3.12
N ASN A 425 -23.00 2.64 -2.08
CA ASN A 425 -24.07 3.11 -1.20
C ASN A 425 -23.81 2.52 0.18
N THR A 426 -22.87 3.14 0.87
CA THR A 426 -22.39 2.65 2.15
C THR A 426 -21.81 3.82 2.97
N ALA A 427 -21.91 3.70 4.29
CA ALA A 427 -21.27 4.61 5.24
C ALA A 427 -19.78 4.35 5.32
N TYR A 428 -19.33 3.19 4.84
CA TYR A 428 -17.94 2.76 5.06
C TYR A 428 -17.13 2.62 3.77
N GLU A 430 -13.51 3.60 3.55
CA GLU A 430 -12.10 3.31 3.76
C GLU A 430 -11.98 2.65 5.11
N TYR A 431 -11.26 1.54 5.20
CA TYR A 431 -11.09 0.85 6.49
C TYR A 431 -9.90 -0.15 6.42
N ASP A 432 -9.35 -0.43 7.59
CA ASP A 432 -8.19 -1.27 7.73
C ASP A 432 -8.44 -2.23 8.87
N TRP A 433 -7.42 -2.92 9.38
CA TRP A 433 -7.60 -3.92 10.43
C TRP A 433 -7.97 -3.35 11.81
N ASN A 434 -8.16 -2.03 11.89
CA ASN A 434 -8.67 -1.42 13.11
C ASN A 434 -10.17 -1.28 13.05
N PHE A 435 -10.79 -1.55 11.90
CA PHE A 435 -12.25 -1.37 11.77
C PHE A 435 -12.91 -2.61 12.39
N HIS A 436 -13.75 -2.40 13.39
CA HIS A 436 -14.25 -3.52 14.19
C HIS A 436 -15.21 -4.37 13.42
N LYS A 437 -15.77 -3.83 12.34
CA LYS A 437 -16.77 -4.57 11.58
C LYS A 437 -16.18 -5.38 10.45
N ILE A 438 -14.85 -5.42 10.27
CA ILE A 438 -14.29 -6.39 9.34
C ILE A 438 -14.45 -7.81 9.90
N LEU A 439 -14.75 -7.92 11.20
CA LEU A 439 -15.12 -9.18 11.85
C LEU A 439 -16.65 -9.28 12.02
N LEU A 440 -17.24 -10.43 11.67
CA LEU A 440 -18.64 -10.66 12.05
C LEU A 440 -18.70 -10.71 13.59
N PRO A 441 -19.79 -10.21 14.16
CA PRO A 441 -19.93 -10.42 15.59
C PRO A 441 -20.19 -11.90 15.90
N ILE A 442 -19.87 -12.31 17.12
CA ILE A 442 -20.18 -13.69 17.56
C ILE A 442 -21.70 -13.83 17.53
N PRO A 443 -22.23 -14.93 16.95
CA PRO A 443 -23.69 -14.96 16.85
C PRO A 443 -24.37 -15.02 18.21
N LYS A 444 -25.51 -14.34 18.31
CA LYS A 444 -26.27 -14.26 19.57
C LYS A 444 -26.55 -15.61 20.19
N LYS A 445 -26.84 -16.60 19.33
CA LYS A 445 -27.22 -17.91 19.83
C LYS A 445 -26.05 -18.51 20.61
N GLU A 446 -24.84 -18.25 20.13
CA GLU A 446 -23.63 -18.70 20.81
C GLU A 446 -23.40 -17.93 22.09
N ASP A 448 -25.63 -16.51 23.88
CA ASP A 448 -26.71 -16.85 24.82
C ASP A 448 -26.43 -18.23 25.45
N ALA A 449 -25.90 -19.17 24.67
CA ALA A 449 -25.70 -20.55 25.12
C ALA A 449 -24.37 -20.82 25.84
N ASN A 450 -23.37 -19.95 25.65
CA ASN A 450 -22.01 -20.18 26.14
C ASN A 450 -21.55 -18.96 26.93
N PRO A 451 -21.52 -19.06 28.27
CA PRO A 451 -21.08 -17.93 29.05
C PRO A 451 -19.59 -17.74 29.04
N ASN A 452 -18.83 -18.65 28.43
CA ASN A 452 -17.39 -18.45 28.31
C ASN A 452 -16.99 -17.81 26.99
N LYS A 454 -16.67 -14.70 24.44
CA LYS A 454 -16.49 -13.25 24.47
C LYS A 454 -16.77 -12.64 23.09
N GLN A 455 -17.59 -11.60 23.10
CA GLN A 455 -17.97 -10.90 21.88
C GLN A 455 -16.80 -10.16 21.29
N ASN A 456 -16.82 -9.98 19.97
CA ASN A 456 -15.85 -9.13 19.32
C ASN A 456 -16.00 -7.67 19.76
N PRO A 457 -14.89 -6.93 19.76
CA PRO A 457 -14.87 -5.53 20.21
C PRO A 457 -15.69 -4.64 19.34
N GLY A 458 -16.26 -3.61 19.93
CA GLY A 458 -17.02 -2.62 19.20
C GLY A 458 -18.49 -2.95 19.02
N TYR A 459 -18.88 -4.17 19.40
CA TYR A 459 -20.25 -4.63 19.22
C TYR A 459 -21.01 -4.56 20.53
N VAL A 460 -20.38 -5.05 21.61
CA VAL A 460 -21.05 -5.17 22.91
C VAL A 460 -21.42 -3.82 23.52
N GLU B 14 46.87 32.78 -4.54
CA GLU B 14 45.73 33.24 -3.69
C GLU B 14 44.33 32.97 -4.27
N THR B 15 43.45 32.72 -3.32
CA THR B 15 42.25 31.96 -3.53
C THR B 15 41.09 32.82 -3.02
N SER B 16 40.10 32.20 -2.34
CA SER B 16 39.00 32.96 -1.73
C SER B 16 38.72 32.67 -0.26
N ILE B 17 39.24 31.59 0.31
CA ILE B 17 38.92 31.30 1.71
C ILE B 17 40.12 31.61 2.64
N ASN B 18 40.25 32.87 3.04
CA ASN B 18 41.34 33.30 3.92
C ASN B 18 40.97 33.48 5.37
N VAL B 19 39.72 33.82 5.65
CA VAL B 19 39.24 33.95 7.03
C VAL B 19 37.84 33.35 7.17
N LEU B 20 37.38 33.17 8.40
CA LEU B 20 36.03 32.64 8.62
C LEU B 20 34.94 33.53 8.00
N SER B 21 35.21 34.81 7.84
CA SER B 21 34.26 35.69 7.21
C SER B 21 34.00 35.28 5.77
N ASP B 22 35.04 34.77 5.10
CA ASP B 22 34.94 34.34 3.72
C ASP B 22 34.04 33.10 3.57
N ILE B 23 33.97 32.30 4.63
CA ILE B 23 33.09 31.13 4.64
CA ILE B 23 33.10 31.14 4.64
C ILE B 23 31.66 31.63 4.80
N GLU B 24 31.48 32.66 5.62
CA GLU B 24 30.14 33.18 5.83
C GLU B 24 29.63 33.79 4.52
N PHE B 25 30.50 34.52 3.83
CA PHE B 25 30.18 35.09 2.52
C PHE B 25 29.78 33.98 1.53
N THR B 26 30.55 32.88 1.55
CA THR B 26 30.26 31.73 0.66
C THR B 26 28.91 31.08 0.98
N LEU B 27 28.58 30.96 2.27
CA LEU B 27 27.28 30.39 2.69
C LEU B 27 26.13 31.28 2.25
N ASN B 28 26.31 32.59 2.46
CA ASN B 28 25.30 33.53 2.05
C ASN B 28 24.99 33.40 0.55
N GLY B 29 26.04 33.19 -0.24
CA GLY B 29 25.90 32.90 -1.65
C GLY B 29 25.17 31.60 -1.96
N ILE B 30 25.46 30.54 -1.20
CA ILE B 30 24.75 29.27 -1.32
C ILE B 30 23.27 29.44 -1.00
N TYR B 31 22.95 30.10 0.12
CA TYR B 31 21.57 30.39 0.42
C TYR B 31 20.90 31.23 -0.66
N SER B 32 21.59 32.18 -1.26
CA SER B 32 21.00 32.97 -2.36
CA SER B 32 20.99 32.96 -2.36
C SER B 32 20.64 32.07 -3.54
N THR B 33 21.52 31.15 -3.88
CA THR B 33 21.25 30.18 -4.95
C THR B 33 20.06 29.28 -4.61
N GLN B 35 17.50 30.00 -2.84
CA GLN B 35 16.30 30.83 -2.93
C GLN B 35 15.72 30.98 -4.33
N SER B 36 16.48 30.55 -5.34
CA SER B 36 16.00 30.70 -6.73
C SER B 36 14.66 29.98 -6.90
N SER B 37 13.78 30.54 -7.74
CA SER B 37 12.62 29.75 -8.20
C SER B 37 13.06 28.47 -8.96
N ASP B 38 14.26 28.46 -9.56
CA ASP B 38 14.76 27.21 -10.18
C ASP B 38 15.23 26.20 -9.14
N ALA B 39 15.35 26.63 -7.87
CA ALA B 39 15.79 25.72 -6.80
C ALA B 39 14.72 25.61 -5.71
N TYR B 40 15.02 26.01 -4.48
CA TYR B 40 14.12 25.66 -3.38
C TYR B 40 13.00 26.65 -3.16
N SER B 41 12.93 27.72 -3.96
CA SER B 41 11.67 28.51 -4.00
C SER B 41 10.70 28.03 -5.08
N GLY B 42 11.04 26.96 -5.82
CA GLY B 42 10.12 26.51 -6.87
C GLY B 42 10.30 25.08 -7.30
N ARG B 43 11.12 24.87 -8.32
CA ARG B 43 11.18 23.61 -9.00
C ARG B 43 11.57 22.42 -8.11
N LEU B 44 12.49 22.62 -7.17
CA LEU B 44 12.87 21.57 -6.25
C LEU B 44 11.77 21.25 -5.21
N VAL B 45 10.80 22.14 -5.03
CA VAL B 45 9.70 21.90 -4.12
C VAL B 45 8.52 21.17 -4.85
N TYR B 46 8.04 21.73 -5.94
CA TYR B 46 6.86 21.17 -6.59
C TYR B 46 7.03 19.79 -7.28
N TYR B 47 8.26 19.42 -7.62
CA TYR B 47 8.52 18.14 -8.32
C TYR B 47 7.72 16.99 -7.68
N GLY B 48 7.93 16.77 -6.37
CA GLY B 48 7.32 15.65 -5.65
C GLY B 48 5.79 15.73 -5.51
N ASP B 49 5.23 16.92 -5.72
CA ASP B 49 3.77 17.06 -5.67
C ASP B 49 3.14 16.74 -7.02
N VAL B 50 3.58 17.40 -8.07
CA VAL B 50 2.86 17.32 -9.34
C VAL B 50 3.12 16.04 -10.07
N THR B 51 4.16 15.31 -9.64
CA THR B 51 4.45 13.96 -10.17
C THR B 51 3.73 12.89 -9.34
N GLY B 52 2.92 13.32 -8.36
CA GLY B 52 2.15 12.38 -7.53
C GLY B 52 0.67 12.33 -7.90
N ASP B 53 -0.18 11.97 -6.94
CA ASP B 53 -1.61 11.78 -7.11
C ASP B 53 -2.55 12.84 -6.42
N ASP B 54 -1.97 13.72 -5.61
CA ASP B 54 -2.71 14.69 -4.81
C ASP B 54 -2.68 16.16 -5.36
N GLN B 56 -1.77 18.47 -9.24
CA GLN B 56 -1.62 18.41 -10.66
C GLN B 56 -1.38 19.82 -11.22
N ALA B 57 -0.84 19.86 -12.43
CA ALA B 57 -0.88 21.04 -13.27
C ALA B 57 -2.32 21.38 -13.57
N VAL B 58 -2.64 22.67 -13.50
CA VAL B 58 -3.97 23.17 -13.80
C VAL B 58 -4.28 22.92 -15.28
N SER B 59 -3.25 23.03 -16.13
CA SER B 59 -3.38 22.70 -17.55
C SER B 59 -2.04 22.25 -18.07
N SER B 60 -2.04 21.75 -19.30
CA SER B 60 -0.83 21.22 -19.90
CA SER B 60 -0.83 21.25 -19.92
C SER B 60 0.24 22.30 -20.16
N THR B 61 -0.18 23.54 -20.35
CA THR B 61 0.72 24.66 -20.67
C THR B 61 1.27 25.40 -19.45
N LYS B 62 0.89 24.95 -18.26
CA LYS B 62 1.45 25.50 -17.03
C LYS B 62 2.93 25.17 -16.86
N ARG B 63 3.60 25.97 -16.04
CA ARG B 63 4.99 25.67 -15.63
C ARG B 63 5.17 24.21 -15.14
N THR B 64 4.18 23.69 -14.42
CA THR B 64 4.24 22.37 -13.83
C THR B 64 3.76 21.30 -14.81
N GLY B 65 3.31 21.71 -15.97
CA GLY B 65 2.58 20.84 -16.88
C GLY B 65 3.42 19.70 -17.39
N ASN B 66 4.65 20.00 -17.83
CA ASN B 66 5.52 18.93 -18.35
C ASN B 66 5.93 17.89 -17.29
N TYR B 67 5.98 18.35 -16.03
CA TYR B 67 6.32 17.48 -14.90
C TYR B 67 5.16 16.56 -14.60
N TYR B 68 3.99 17.16 -14.40
CA TYR B 68 2.74 16.44 -14.19
C TYR B 68 2.46 15.39 -15.25
N ARG B 69 2.64 15.79 -16.52
CA ARG B 69 2.41 14.86 -17.63
C ARG B 69 3.57 13.90 -17.96
N PHE B 70 4.69 13.97 -17.22
CA PHE B 70 5.89 13.19 -17.57
C PHE B 70 6.23 13.32 -19.06
N ASN B 71 6.29 14.58 -19.48
CA ASN B 71 6.40 14.92 -20.90
C ASN B 71 7.83 15.23 -21.38
N PHE B 72 8.84 15.06 -20.54
CA PHE B 72 10.19 15.43 -20.96
C PHE B 72 10.89 14.26 -21.66
N THR B 73 11.83 14.64 -22.53
CA THR B 73 12.65 13.72 -23.30
C THR B 73 14.09 14.06 -22.98
N LYS B 74 15.04 13.25 -23.45
CA LYS B 74 16.46 13.56 -23.23
C LYS B 74 16.87 14.86 -23.89
N ASP B 75 16.11 15.33 -24.86
CA ASP B 75 16.47 16.52 -25.57
C ASP B 75 15.96 17.78 -24.93
N ASN B 76 14.75 17.76 -24.37
CA ASN B 76 14.17 18.96 -23.76
C ASN B 76 14.04 18.94 -22.22
N GLY B 77 14.58 17.93 -21.56
CA GLY B 77 14.47 17.84 -20.10
C GLY B 77 15.14 19.05 -19.45
N PRO B 78 14.70 19.43 -18.26
CA PRO B 78 15.28 20.61 -17.58
C PRO B 78 16.68 20.31 -17.10
N SER B 79 17.48 21.37 -17.01
CA SER B 79 18.88 21.31 -16.57
C SER B 79 19.05 22.00 -15.23
N SER B 80 18.05 22.75 -14.79
CA SER B 80 18.20 23.59 -13.61
C SER B 80 18.43 22.78 -12.33
N HIS B 81 17.74 21.66 -12.18
CA HIS B 81 17.91 20.80 -10.99
C HIS B 81 19.37 20.35 -10.89
N TRP B 82 19.91 19.86 -11.99
CA TRP B 82 21.29 19.42 -12.04
C TRP B 82 22.24 20.59 -11.78
N SER B 83 22.03 21.69 -12.48
CA SER B 83 23.00 22.79 -12.48
C SER B 83 23.01 23.48 -11.14
N TYR B 84 21.84 23.71 -10.59
CA TYR B 84 21.76 24.47 -9.32
C TYR B 84 22.34 23.64 -8.15
N LEU B 85 21.90 22.38 -8.07
CA LEU B 85 22.37 21.51 -6.99
C LEU B 85 23.90 21.29 -7.06
N TYR B 86 24.45 21.12 -8.26
CA TYR B 86 25.89 20.95 -8.40
C TYR B 86 26.66 22.24 -8.12
N SER B 87 26.10 23.39 -8.48
CA SER B 87 26.69 24.67 -8.08
C SER B 87 26.76 24.83 -6.54
N ILE B 88 25.68 24.49 -5.87
CA ILE B 88 25.62 24.49 -4.40
C ILE B 88 26.70 23.57 -3.79
N ILE B 89 26.83 22.38 -4.36
CA ILE B 89 27.82 21.39 -3.90
C ILE B 89 29.22 21.94 -4.04
N GLN B 90 29.52 22.59 -5.18
CA GLN B 90 30.83 23.13 -5.42
C GLN B 90 31.23 24.13 -4.30
N ASN B 91 30.32 25.02 -3.99
CA ASN B 91 30.57 26.01 -2.97
C ASN B 91 30.63 25.40 -1.54
N CYS B 92 29.86 24.33 -1.26
CA CYS B 92 30.03 23.59 -0.03
C CYS B 92 31.43 22.97 -0.03
N ASN B 93 31.87 22.43 -1.18
CA ASN B 93 33.19 21.84 -1.24
C ASN B 93 34.28 22.85 -0.99
N LEU B 94 34.16 24.04 -1.57
CA LEU B 94 35.13 25.10 -1.37
C LEU B 94 35.26 25.39 0.13
N ILE B 95 34.13 25.43 0.82
CA ILE B 95 34.15 25.70 2.27
C ILE B 95 34.83 24.53 2.99
N LEU B 96 34.45 23.32 2.64
CA LEU B 96 34.90 22.17 3.41
C LEU B 96 36.35 21.81 3.15
N ASN B 98 38.59 24.08 3.05
CA ASN B 98 39.37 25.19 3.61
C ASN B 98 39.15 25.45 5.13
N VAL B 99 37.94 25.15 5.61
CA VAL B 99 37.53 25.55 6.95
C VAL B 99 38.40 24.99 8.09
N ASP B 100 38.86 23.75 7.95
CA ASP B 100 39.66 23.10 8.99
C ASP B 100 41.12 23.55 8.96
N LYS B 101 41.52 24.26 7.91
CA LYS B 101 42.87 24.78 7.76
C LYS B 101 42.99 26.17 8.34
N LEU B 102 41.87 26.84 8.56
CA LEU B 102 41.93 28.19 9.10
C LEU B 102 42.39 28.20 10.58
N SER B 103 43.41 29.02 10.91
CA SER B 103 43.84 29.19 12.29
CA SER B 103 43.82 29.11 12.30
C SER B 103 42.74 29.91 13.05
N ILE B 104 42.27 29.36 14.18
CA ILE B 104 41.20 30.01 14.95
C ILE B 104 41.47 29.99 16.45
N ASP B 105 40.94 30.99 17.13
CA ASP B 105 40.94 30.99 18.59
C ASP B 105 39.91 30.08 19.21
N GLU B 106 40.16 29.64 20.44
CA GLU B 106 39.27 28.68 21.10
C GLU B 106 37.83 29.19 21.16
N ASP B 107 37.64 30.47 21.47
CA ASP B 107 36.26 30.96 21.55
C ASP B 107 35.57 31.14 20.17
N GLU B 108 36.27 30.84 19.07
CA GLU B 108 35.66 30.80 17.74
C GLU B 108 35.22 29.40 17.30
N THR B 109 35.44 28.42 18.16
CA THR B 109 35.31 27.02 17.74
C THR B 109 33.86 26.70 17.43
N GLU B 110 32.97 27.17 18.29
CA GLU B 110 31.55 26.88 18.15
C GLU B 110 31.01 27.49 16.85
N TYR B 111 31.41 28.72 16.58
CA TYR B 111 31.07 29.41 15.35
C TYR B 111 31.61 28.68 14.12
N LYS B 112 32.89 28.32 14.15
CA LYS B 112 33.53 27.58 13.03
C LYS B 112 32.85 26.24 12.76
N ASN B 113 32.61 25.48 13.83
CA ASN B 113 31.92 24.20 13.74
C ASN B 113 30.51 24.37 13.08
N ASP B 114 29.79 25.39 13.50
CA ASP B 114 28.46 25.63 12.93
C ASP B 114 28.55 25.98 11.42
N LEU B 115 29.52 26.80 11.02
CA LEU B 115 29.73 27.09 9.60
C LEU B 115 30.06 25.83 8.77
N LYS B 116 30.95 25.01 9.31
CA LYS B 116 31.29 23.73 8.69
C LYS B 116 30.03 22.84 8.62
N GLY B 117 29.31 22.79 9.72
CA GLY B 117 28.04 22.01 9.76
C GLY B 117 26.99 22.42 8.74
N GLN B 118 26.84 23.73 8.51
CA GLN B 118 25.98 24.20 7.49
C GLN B 118 26.44 23.69 6.09
N ALA B 119 27.74 23.75 5.82
CA ALA B 119 28.26 23.28 4.52
C ALA B 119 27.97 21.80 4.35
N LEU B 120 28.18 21.03 5.41
CA LEU B 120 27.97 19.60 5.35
C LEU B 120 26.47 19.26 5.19
N ALA B 121 25.60 19.90 5.94
CA ALA B 121 24.17 19.61 5.88
C ALA B 121 23.64 19.93 4.47
N ILE B 122 24.10 21.06 3.92
CA ILE B 122 23.65 21.54 2.64
C ILE B 122 24.16 20.60 1.54
N ARG B 123 25.41 20.16 1.64
CA ARG B 123 25.90 19.18 0.69
C ARG B 123 25.13 17.85 0.77
N GLY B 124 24.75 17.42 1.99
CA GLY B 124 23.96 16.18 2.12
C GLY B 124 22.59 16.36 1.46
N ALA B 126 21.67 18.56 -0.91
CA ALA B 126 21.80 18.77 -2.34
C ALA B 126 22.02 17.43 -3.04
N LEU B 127 22.91 16.60 -2.49
CA LEU B 127 23.17 15.29 -3.10
C LEU B 127 21.95 14.37 -2.99
N PHE B 128 21.23 14.48 -1.87
CA PHE B 128 19.98 13.72 -1.67
C PHE B 128 18.95 14.07 -2.72
N ASP B 129 18.71 15.35 -2.93
CA ASP B 129 17.82 15.73 -3.97
C ASP B 129 18.26 15.24 -5.34
N LEU B 130 19.54 15.38 -5.69
CA LEU B 130 20.01 14.82 -6.97
C LEU B 130 19.74 13.31 -7.09
N THR B 131 19.91 12.62 -5.97
CA THR B 131 19.87 11.15 -5.99
C THR B 131 18.41 10.72 -6.18
N ARG B 132 17.51 11.42 -5.52
CA ARG B 132 16.11 11.00 -5.64
C ARG B 132 15.42 11.48 -6.93
N ILE B 133 15.90 12.58 -7.52
CA ILE B 133 15.34 13.09 -8.77
C ILE B 133 15.85 12.24 -9.97
N PHE B 134 17.13 11.90 -9.96
CA PHE B 134 17.79 11.23 -11.10
C PHE B 134 18.07 9.74 -10.95
N GLY B 135 17.76 9.18 -9.78
CA GLY B 135 18.08 7.78 -9.45
C GLY B 135 16.88 7.03 -8.83
N TYR B 136 16.73 5.76 -9.18
CA TYR B 136 15.64 4.93 -8.61
C TYR B 136 15.78 4.87 -7.10
N PRO B 137 14.65 4.80 -6.39
CA PRO B 137 14.67 4.76 -4.91
C PRO B 137 15.52 3.63 -4.36
N TYR B 138 16.21 3.96 -3.29
CA TYR B 138 17.13 3.03 -2.66
C TYR B 138 16.50 1.62 -2.51
N LEU B 139 15.28 1.55 -1.99
CA LEU B 139 14.70 0.26 -1.63
C LEU B 139 14.26 -0.57 -2.82
N LYS B 140 14.26 -0.01 -4.04
CA LYS B 140 14.00 -0.85 -5.22
C LYS B 140 15.02 -1.98 -5.27
N ASP B 141 16.28 -1.69 -4.96
CA ASP B 141 17.36 -2.65 -5.20
C ASP B 141 18.56 -2.43 -4.27
N ASN B 142 18.26 -1.92 -3.08
CA ASN B 142 19.26 -1.48 -2.14
C ASN B 142 20.31 -0.59 -2.75
N GLY B 143 19.86 0.40 -3.53
CA GLY B 143 20.80 1.36 -4.12
C GLY B 143 21.77 0.84 -5.16
N ALA B 144 21.45 -0.27 -5.81
CA ALA B 144 22.32 -0.81 -6.85
C ALA B 144 22.20 0.01 -8.13
N SER B 145 21.09 0.74 -8.32
CA SER B 145 20.89 1.57 -9.53
C SER B 145 21.86 2.76 -9.56
N LEU B 146 21.93 3.47 -10.68
CA LEU B 146 22.80 4.62 -10.78
C LEU B 146 22.19 5.84 -10.08
N GLY B 147 23.02 6.51 -9.29
CA GLY B 147 22.63 7.80 -8.69
C GLY B 147 23.19 8.88 -9.58
N VAL B 148 24.02 9.74 -9.00
CA VAL B 148 24.67 10.80 -9.72
C VAL B 148 26.16 10.79 -9.36
N PRO B 149 27.00 11.60 -10.06
CA PRO B 149 28.40 11.69 -9.68
C PRO B 149 28.55 12.29 -8.29
N ILE B 150 29.36 11.65 -7.45
CA ILE B 150 29.77 12.21 -6.18
C ILE B 150 30.93 13.15 -6.43
N VAL B 151 30.75 14.43 -6.10
CA VAL B 151 31.77 15.45 -6.31
C VAL B 151 32.10 16.12 -4.97
N LYS B 152 33.31 15.93 -4.46
CA LYS B 152 33.69 16.51 -3.14
C LYS B 152 34.82 17.54 -3.21
N GLU B 153 35.32 17.78 -4.41
CA GLU B 153 36.37 18.76 -4.64
C GLU B 153 35.87 19.76 -5.67
N LEU B 154 36.79 20.55 -6.23
CA LEU B 154 36.40 21.64 -7.14
C LEU B 154 36.55 21.17 -8.57
N SER B 155 35.48 21.30 -9.34
CA SER B 155 35.46 20.90 -10.73
C SER B 155 36.31 21.83 -11.61
N THR B 156 36.85 21.26 -12.69
CA THR B 156 37.49 22.02 -13.74
C THR B 156 37.01 21.47 -15.04
N ILE B 157 37.51 22.03 -16.13
CA ILE B 157 37.13 21.55 -17.46
C ILE B 157 37.62 20.11 -17.71
N ASP B 158 38.53 19.62 -16.89
CA ASP B 158 39.04 18.26 -17.01
C ASP B 158 38.11 17.20 -16.33
N SER B 159 37.16 17.66 -15.51
CA SER B 159 36.30 16.75 -14.71
C SER B 159 35.18 16.13 -15.53
N LYS B 160 35.23 14.81 -15.64
CA LYS B 160 34.29 14.03 -16.41
C LYS B 160 33.89 12.80 -15.56
N PRO B 161 33.25 13.02 -14.39
CA PRO B 161 32.92 11.90 -13.52
C PRO B 161 31.77 11.03 -14.04
N ALA B 162 31.86 9.74 -13.79
CA ALA B 162 30.77 8.80 -14.05
C ALA B 162 29.79 8.86 -12.90
N ARG B 163 28.58 8.40 -13.12
CA ARG B 163 27.60 8.30 -12.07
C ARG B 163 28.01 7.25 -11.04
N ASN B 164 27.94 7.63 -9.76
CA ASN B 164 28.02 6.66 -8.66
C ASN B 164 26.67 5.93 -8.46
N THR B 165 26.66 4.83 -7.71
CA THR B 165 25.43 4.12 -7.45
C THR B 165 24.64 4.94 -6.43
N VAL B 166 23.34 4.74 -6.43
CA VAL B 166 22.50 5.27 -5.39
C VAL B 166 23.03 4.92 -3.98
N ALA B 167 23.43 3.64 -3.76
CA ALA B 167 24.00 3.21 -2.47
C ALA B 167 25.24 4.07 -2.09
N GLU B 168 26.12 4.28 -3.05
CA GLU B 168 27.31 5.16 -2.84
C GLU B 168 26.92 6.60 -2.48
N CYS B 169 25.88 7.14 -3.15
CA CYS B 169 25.42 8.51 -2.83
C CYS B 169 24.86 8.56 -1.41
N TYR B 170 24.09 7.54 -1.04
CA TYR B 170 23.52 7.51 0.29
C TYR B 170 24.57 7.53 1.37
N THR B 171 25.62 6.75 1.20
CA THR B 171 26.74 6.75 2.15
C THR B 171 27.26 8.18 2.36
N GLU B 172 27.41 8.97 1.29
CA GLU B 172 27.90 10.35 1.40
C GLU B 172 26.89 11.31 2.03
N ILE B 173 25.62 11.15 1.65
CA ILE B 173 24.54 12.00 2.18
C ILE B 173 24.46 11.81 3.70
N ILE B 174 24.50 10.54 4.14
CA ILE B 174 24.38 10.18 5.56
C ILE B 174 25.59 10.69 6.36
N SER B 175 26.77 10.48 5.79
CA SER B 175 28.01 10.93 6.43
C SER B 175 27.98 12.45 6.69
N ASP B 176 27.62 13.18 5.66
CA ASP B 176 27.65 14.63 5.70
C ASP B 176 26.62 15.08 6.72
N LEU B 177 25.39 14.57 6.59
CA LEU B 177 24.30 14.98 7.44
C LEU B 177 24.55 14.55 8.90
N LYS B 178 25.05 13.34 9.10
CA LYS B 178 25.30 12.86 10.47
C LYS B 178 26.37 13.74 11.10
N ASN B 179 27.47 13.96 10.39
CA ASN B 179 28.54 14.83 10.87
CA ASN B 179 28.54 14.83 10.88
C ASN B 179 28.00 16.22 11.19
N SER B 180 27.12 16.74 10.29
CA SER B 180 26.49 18.02 10.52
C SER B 180 25.70 18.12 11.85
N THR B 181 25.06 17.03 12.24
CA THR B 181 24.25 17.03 13.46
C THR B 181 25.15 17.15 14.71
N GLU B 182 26.44 16.92 14.56
CA GLU B 182 27.39 17.05 15.65
C GLU B 182 28.07 18.41 15.71
N LEU B 183 27.95 19.20 14.64
CA LEU B 183 28.67 20.46 14.45
C LEU B 183 27.77 21.73 14.48
N LEU B 184 26.55 21.61 13.94
CA LEU B 184 25.61 22.69 13.88
C LEU B 184 25.18 23.14 15.24
N SER B 185 25.02 24.45 15.40
CA SER B 185 24.33 24.96 16.56
C SER B 185 22.87 24.53 16.55
N GLY B 186 22.31 24.33 17.75
CA GLY B 186 20.86 24.17 17.92
C GLY B 186 20.09 25.48 18.02
N ASP B 187 20.78 26.61 17.96
CA ASP B 187 20.10 27.88 18.06
C ASP B 187 19.25 28.17 16.82
N PHE B 188 18.23 28.96 17.05
CA PHE B 188 17.43 29.50 15.98
C PHE B 188 18.34 30.29 15.09
N ASN B 189 18.17 30.14 13.79
CA ASN B 189 19.04 30.77 12.81
C ASN B 189 18.26 31.04 11.53
N LYS B 190 17.76 32.27 11.44
CA LYS B 190 16.77 32.69 10.41
C LYS B 190 17.27 32.45 9.00
N GLY B 191 16.57 31.59 8.25
CA GLY B 191 16.93 31.33 6.85
C GLY B 191 18.15 30.46 6.65
N LYS B 192 18.60 29.78 7.70
CA LYS B 192 19.82 28.97 7.60
C LYS B 192 19.53 27.63 8.25
N VAL B 193 20.32 26.60 7.90
CA VAL B 193 20.14 25.26 8.47
C VAL B 193 20.73 25.21 9.87
N ASN B 194 20.02 24.56 10.80
CA ASN B 194 20.53 24.33 12.13
C ASN B 194 20.41 22.85 12.49
N ARG B 195 20.81 22.51 13.71
CA ARG B 195 20.96 21.12 14.09
C ARG B 195 19.67 20.31 13.90
N TRP B 196 18.53 20.90 14.29
CA TRP B 196 17.27 20.20 14.33
C TRP B 196 16.73 20.00 12.91
N ALA B 197 16.96 20.97 12.04
CA ALA B 197 16.62 20.82 10.63
C ALA B 197 17.42 19.70 10.00
N ALA B 198 18.71 19.67 10.32
CA ALA B 198 19.59 18.66 9.75
C ALA B 198 19.18 17.26 10.23
N THR B 200 16.22 16.35 11.25
CA THR B 200 14.93 16.02 10.67
C THR B 200 15.14 15.51 9.27
N LEU B 201 15.93 16.23 8.49
CA LEU B 201 16.26 15.75 7.13
C LEU B 201 16.96 14.41 7.17
N LEU B 202 17.96 14.28 8.04
CA LEU B 202 18.63 12.97 8.16
C LEU B 202 17.62 11.88 8.51
N SER B 203 16.66 12.13 9.40
CA SER B 203 15.66 11.07 9.72
C SER B 203 14.90 10.63 8.46
N ARG B 204 14.61 11.58 7.59
CA ARG B 204 13.97 11.31 6.30
C ARG B 204 14.82 10.42 5.39
N VAL B 205 16.10 10.73 5.28
CA VAL B 205 17.02 9.99 4.41
C VAL B 205 17.11 8.56 4.90
N TYR B 206 17.20 8.38 6.23
CA TYR B 206 17.16 7.06 6.83
C TYR B 206 15.91 6.25 6.44
N LEU B 207 14.76 6.88 6.49
CA LEU B 207 13.51 6.26 6.07
C LEU B 207 13.60 5.81 4.61
N TYR B 208 14.11 6.66 3.72
CA TYR B 208 14.20 6.29 2.31
C TYR B 208 15.11 5.09 2.12
N LYS B 209 16.15 4.98 2.95
CA LYS B 209 17.08 3.86 2.91
C LYS B 209 16.62 2.62 3.66
N GLY B 210 15.52 2.72 4.40
CA GLY B 210 15.03 1.59 5.18
C GLY B 210 15.79 1.39 6.49
N GLU B 211 16.51 2.40 6.96
CA GLU B 211 17.21 2.33 8.25
C GLU B 211 16.34 2.90 9.37
N TYR B 212 15.31 2.12 9.73
CA TYR B 212 14.23 2.61 10.61
C TYR B 212 14.66 2.92 12.05
N ASN B 213 15.54 2.10 12.63
CA ASN B 213 16.05 2.41 13.97
C ASN B 213 16.73 3.78 14.03
N GLU B 214 17.58 4.04 13.04
CA GLU B 214 18.31 5.29 12.99
C GLU B 214 17.35 6.45 12.65
N ALA B 215 16.40 6.22 11.74
CA ALA B 215 15.39 7.25 11.47
C ALA B 215 14.67 7.67 12.75
N LEU B 216 14.26 6.69 13.55
CA LEU B 216 13.51 6.96 14.77
C LEU B 216 14.33 7.80 15.74
N THR B 217 15.57 7.38 15.98
CA THR B 217 16.47 8.12 16.88
C THR B 217 16.66 9.58 16.45
N ALA B 219 14.64 11.40 14.46
CA ALA B 219 13.40 12.17 14.50
C ALA B 219 13.07 12.53 15.96
N GLU B 220 13.21 11.56 16.87
CA GLU B 220 12.87 11.82 18.26
C GLU B 220 13.79 12.88 18.88
N ASN B 221 15.08 12.81 18.56
CA ASN B 221 16.05 13.79 19.05
C ASN B 221 15.84 15.17 18.47
N ALA B 222 15.51 15.23 17.17
CA ALA B 222 15.14 16.50 16.50
C ALA B 222 14.00 17.15 17.23
N ILE B 223 12.94 16.38 17.48
CA ILE B 223 11.79 16.90 18.21
C ILE B 223 12.20 17.44 19.58
N LYS B 224 12.93 16.67 20.36
CA LYS B 224 13.28 17.14 21.72
C LYS B 224 14.21 18.35 21.62
N GLY B 225 15.22 18.31 20.75
CA GLY B 225 16.08 19.50 20.58
C GLY B 225 15.32 20.74 20.12
N ALA B 226 14.50 20.59 19.07
CA ALA B 226 13.72 21.73 18.58
C ALA B 226 12.79 22.29 19.65
N GLU B 227 12.10 21.44 20.40
CA GLU B 227 11.10 21.95 21.35
C GLU B 227 11.80 22.65 22.51
N LYS B 228 12.95 22.16 22.92
CA LYS B 228 13.71 22.81 23.98
C LYS B 228 14.15 24.20 23.54
N GLU B 229 14.48 24.36 22.25
CA GLU B 229 14.85 25.65 21.72
C GLU B 229 13.66 26.60 21.60
N GLY B 230 12.43 26.11 21.68
CA GLY B 230 11.29 27.00 21.56
C GLY B 230 10.43 26.77 20.35
N TYR B 231 10.85 25.89 19.41
CA TYR B 231 9.94 25.49 18.32
C TYR B 231 8.76 24.70 18.90
N ALA B 232 7.61 24.82 18.23
CA ALA B 232 6.39 24.08 18.63
C ALA B 232 5.48 23.89 17.43
N LEU B 233 4.79 22.76 17.39
CA LEU B 233 3.80 22.56 16.34
C LEU B 233 2.81 23.71 16.42
N TRP B 234 2.45 24.24 15.25
CA TRP B 234 1.41 25.25 15.18
C TRP B 234 0.12 24.65 15.78
N THR B 235 -0.59 25.40 16.60
CA THR B 235 -1.84 24.93 17.12
C THR B 235 -2.93 24.86 16.01
N ASN B 236 -3.99 24.12 16.29
CA ASN B 236 -5.19 24.07 15.48
C ASN B 236 -5.69 25.48 15.13
N GLU B 237 -5.67 26.41 16.10
CA GLU B 237 -6.15 27.75 15.88
C GLU B 237 -5.20 28.59 15.02
N GLU B 238 -3.90 28.37 15.16
CA GLU B 238 -2.85 29.09 14.43
C GLU B 238 -2.67 28.61 13.01
N TYR B 239 -3.01 27.36 12.74
CA TYR B 239 -2.63 26.68 11.53
C TYR B 239 -3.02 27.42 10.25
N PRO B 240 -4.25 27.93 10.17
CA PRO B 240 -4.68 28.59 8.92
C PRO B 240 -3.83 29.77 8.44
N THR B 241 -3.31 30.57 9.39
CA THR B 241 -2.59 31.79 9.09
C THR B 241 -1.11 31.76 9.57
N ALA B 242 -0.65 30.66 10.20
CA ALA B 242 0.71 30.64 10.73
C ALA B 242 1.74 30.71 9.59
N TRP B 243 1.35 30.17 8.46
CA TRP B 243 2.16 30.19 7.23
C TRP B 243 2.66 31.61 6.83
N GLY B 244 1.89 32.65 7.12
CA GLY B 244 2.34 34.00 6.82
C GLY B 244 3.13 34.68 7.95
N ASN B 245 3.33 33.99 9.07
CA ASN B 245 4.16 34.54 10.16
C ASN B 245 5.62 34.76 9.65
N ASP B 246 6.34 35.61 10.35
CA ASP B 246 7.74 35.81 10.13
C ASP B 246 8.44 35.36 11.42
N ALA B 247 8.85 34.10 11.46
CA ALA B 247 9.38 33.48 12.67
C ALA B 247 10.67 34.20 13.12
N SER B 248 10.87 34.22 14.45
CA SER B 248 12.04 34.80 15.14
C SER B 248 12.45 33.88 16.28
N ALA B 249 13.61 34.18 16.88
CA ALA B 249 14.10 33.42 18.05
C ALA B 249 13.08 33.41 19.17
N SER B 250 12.38 34.52 19.40
CA SER B 250 11.34 34.60 20.45
CA SER B 250 11.36 34.58 20.45
C SER B 250 10.06 33.86 20.06
N ASN B 251 9.78 33.75 18.76
CA ASN B 251 8.55 33.11 18.26
C ASN B 251 8.88 32.24 17.06
N PRO B 252 9.51 31.08 17.30
CA PRO B 252 10.06 30.30 16.20
C PRO B 252 9.06 29.56 15.36
N GLY B 253 7.88 29.27 15.92
CA GLY B 253 6.92 28.42 15.20
C GLY B 253 7.47 27.02 14.93
N GLU B 254 7.04 26.40 13.82
CA GLU B 254 7.51 25.05 13.53
C GLU B 254 8.45 24.89 12.40
N ILE B 255 8.80 25.98 11.71
CA ILE B 255 9.69 25.86 10.57
C ILE B 255 11.14 25.74 11.04
N LEU B 256 11.71 24.56 10.82
CA LEU B 256 13.12 24.30 11.20
C LEU B 256 14.17 24.82 10.20
N PHE B 257 13.81 24.77 8.91
CA PHE B 257 14.61 25.42 7.90
C PHE B 257 13.67 26.16 6.94
N GLU B 258 13.88 27.47 6.82
CA GLU B 258 13.05 28.35 6.03
C GLU B 258 13.87 28.98 4.89
N ILE B 259 13.33 28.95 3.68
CA ILE B 259 13.86 29.76 2.58
C ILE B 259 13.21 31.15 2.69
N VAL B 260 14.05 32.14 2.97
CA VAL B 260 13.60 33.47 3.20
C VAL B 260 13.67 34.24 1.88
N ASN B 261 12.52 34.79 1.51
CA ASN B 261 12.37 35.57 0.30
C ASN B 261 11.93 36.95 0.70
N LEU B 262 12.60 37.96 0.18
CA LEU B 262 12.31 39.34 0.54
C LEU B 262 11.99 40.17 -0.67
N THR B 263 11.23 41.25 -0.44
CA THR B 263 10.86 42.17 -1.52
C THR B 263 12.10 42.68 -2.24
N THR B 264 13.18 42.89 -1.49
CA THR B 264 14.45 43.35 -2.06
C THR B 264 15.33 42.24 -2.61
N ASP B 265 14.84 41.01 -2.55
CA ASP B 265 15.62 39.86 -2.95
C ASP B 265 14.58 38.80 -3.32
N SER B 266 13.88 39.07 -4.42
CA SER B 266 12.67 38.36 -4.74
C SER B 266 12.99 37.20 -5.65
N PRO B 267 12.35 36.06 -5.44
CA PRO B 267 12.59 34.95 -6.39
C PRO B 267 11.77 35.08 -7.71
N GLY B 268 10.86 36.05 -7.75
CA GLY B 268 10.02 36.30 -8.90
C GLY B 268 8.82 35.35 -9.03
N LYS B 269 8.12 35.48 -10.15
CA LYS B 269 6.79 34.90 -10.30
C LYS B 269 6.72 33.39 -10.54
N GLU B 270 7.86 32.72 -10.66
CA GLU B 270 7.86 31.29 -10.73
C GLU B 270 8.09 30.62 -9.38
N SER B 271 8.07 31.42 -8.32
CA SER B 271 8.10 30.90 -6.96
C SER B 271 6.80 30.19 -6.57
N GLY B 273 4.82 30.79 -4.06
CA GLY B 273 3.79 31.73 -3.73
C GLY B 273 2.94 32.19 -4.91
N TYR B 274 3.57 32.33 -6.07
CA TYR B 274 2.90 32.76 -7.28
C TYR B 274 2.30 31.58 -8.01
N LEU B 275 2.99 30.42 -8.01
CA LEU B 275 2.48 29.22 -8.67
C LEU B 275 1.21 28.70 -8.00
N ASN B 276 1.11 28.81 -6.67
CA ASN B 276 0.05 28.19 -5.89
C ASN B 276 -1.02 29.20 -5.49
N SER B 277 -1.44 30.02 -6.44
CA SER B 277 -2.45 31.06 -6.17
C SER B 277 -3.22 31.37 -7.43
N TYR B 278 -4.53 31.62 -7.28
CA TYR B 278 -5.31 32.13 -8.40
C TYR B 278 -5.05 33.62 -8.67
N ASN B 279 -4.31 34.29 -7.78
CA ASN B 279 -3.83 35.62 -8.02
C ASN B 279 -2.42 35.61 -8.58
N GLY B 280 -1.91 34.43 -8.90
CA GLY B 280 -0.55 34.28 -9.39
C GLY B 280 -0.65 33.70 -10.78
N TYR B 281 0.02 32.57 -11.00
CA TYR B 281 -0.03 31.89 -12.30
C TYR B 281 -1.04 30.75 -12.42
N ASP B 282 -1.87 30.55 -11.40
CA ASP B 282 -2.91 29.51 -11.45
C ASP B 282 -2.31 28.17 -11.91
N ASP B 283 -1.16 27.81 -11.36
CA ASP B 283 -0.32 26.86 -12.04
C ASP B 283 -0.53 25.41 -11.62
N CYS B 285 -2.67 22.88 -8.60
CA CYS B 285 -3.82 22.75 -7.73
C CYS B 285 -3.93 21.31 -7.22
N ILE B 286 -4.77 21.13 -6.20
CA ILE B 286 -5.04 19.81 -5.67
C ILE B 286 -5.95 19.04 -6.67
N THR B 287 -5.76 17.74 -6.69
CA THR B 287 -6.60 16.85 -7.46
C THR B 287 -7.93 16.70 -6.74
N CYS B 288 -8.95 16.25 -7.48
CA CYS B 288 -10.25 16.05 -6.90
C CYS B 288 -10.24 14.95 -5.87
N SER B 289 -9.45 13.92 -6.13
CA SER B 289 -9.32 12.81 -5.20
C SER B 289 -8.70 13.27 -3.89
N PHE B 290 -7.72 14.19 -3.96
CA PHE B 290 -7.14 14.65 -2.70
C PHE B 290 -8.13 15.52 -1.92
N TYR B 291 -8.85 16.36 -2.63
CA TYR B 291 -9.91 17.15 -2.01
C TYR B 291 -10.95 16.32 -1.29
N GLN B 292 -11.40 15.27 -1.96
CA GLN B 292 -12.39 14.39 -1.39
C GLN B 292 -11.83 13.62 -0.20
N LEU B 293 -10.55 13.24 -0.28
CA LEU B 293 -9.89 12.63 0.89
C LEU B 293 -9.83 13.61 2.09
N LEU B 294 -9.42 14.83 1.86
CA LEU B 294 -9.36 15.82 2.96
C LEU B 294 -10.74 16.10 3.52
N LYS B 295 -11.73 16.19 2.63
CA LYS B 295 -13.14 16.43 3.02
C LYS B 295 -13.78 15.31 3.82
N LYS B 296 -13.24 14.11 3.77
CA LYS B 296 -13.79 13.05 4.62
C LYS B 296 -13.93 13.51 6.07
N ASP B 297 -13.04 14.35 6.57
CA ASP B 297 -13.28 15.01 7.86
C ASP B 297 -13.48 16.50 7.63
N PRO B 298 -14.75 16.93 7.62
CA PRO B 298 -14.98 18.32 7.33
C PRO B 298 -14.49 19.32 8.41
N LYS B 299 -14.08 18.84 9.59
CA LYS B 299 -13.46 19.70 10.60
C LYS B 299 -11.91 19.67 10.58
N ASP B 300 -11.35 18.99 9.60
CA ASP B 300 -9.90 19.02 9.36
C ASP B 300 -9.46 20.45 9.10
N VAL B 301 -8.55 20.95 9.94
CA VAL B 301 -8.10 22.34 9.85
C VAL B 301 -7.39 22.60 8.52
N ARG B 302 -6.83 21.54 7.92
CA ARG B 302 -6.10 21.72 6.67
C ARG B 302 -7.01 22.16 5.50
N LEU B 303 -8.31 21.82 5.59
CA LEU B 303 -9.26 22.40 4.64
C LEU B 303 -9.21 23.94 4.64
N LYS B 304 -8.87 24.53 5.78
CA LYS B 304 -8.77 25.97 5.91
C LYS B 304 -7.58 26.62 5.23
N ILE B 305 -6.64 25.86 4.68
CA ILE B 305 -5.57 26.49 3.92
CA ILE B 305 -5.55 26.47 3.92
C ILE B 305 -5.73 26.25 2.41
N LEU B 306 -6.90 25.76 2.00
CA LEU B 306 -7.28 25.72 0.58
C LEU B 306 -7.88 27.07 0.15
N SER B 307 -7.41 27.59 -0.98
CA SER B 307 -7.97 28.81 -1.58
CA SER B 307 -7.95 28.81 -1.57
C SER B 307 -8.71 28.45 -2.86
N PHE B 308 -10.01 28.74 -2.90
CA PHE B 308 -10.83 28.32 -4.01
C PHE B 308 -11.02 29.42 -5.04
N ASP B 309 -10.63 29.13 -6.27
CA ASP B 309 -11.01 29.95 -7.42
C ASP B 309 -12.45 29.62 -7.81
N LYS B 310 -13.38 30.51 -7.43
CA LYS B 310 -14.83 30.33 -7.66
C LYS B 310 -15.20 28.89 -7.27
N LYS B 311 -15.78 28.13 -8.19
CA LYS B 311 -16.04 26.72 -7.95
C LYS B 311 -15.25 25.90 -8.96
N TYR B 312 -14.02 26.33 -9.26
CA TYR B 312 -13.26 25.77 -10.39
C TYR B 312 -12.08 24.89 -9.97
N TYR B 313 -11.24 25.44 -9.09
CA TYR B 313 -9.99 24.85 -8.64
C TYR B 313 -9.76 25.24 -7.17
N ALA B 314 -8.92 24.47 -6.50
CA ALA B 314 -8.56 24.77 -5.13
C ALA B 314 -7.02 24.78 -5.03
N TYR B 315 -6.49 25.88 -4.55
CA TYR B 315 -5.06 26.06 -4.39
C TYR B 315 -4.65 25.82 -2.95
N VAL B 316 -3.42 25.32 -2.79
CA VAL B 316 -2.84 25.13 -1.47
C VAL B 316 -2.17 26.44 -1.04
N ASN B 317 -2.83 27.12 -0.11
CA ASN B 317 -2.44 28.44 0.40
C ASN B 317 -1.45 28.42 1.55
N LYS B 318 -0.38 27.64 1.39
CA LYS B 318 0.69 27.58 2.39
C LYS B 318 1.74 28.69 2.20
N TYR B 319 1.82 29.24 0.98
CA TYR B 319 2.86 30.19 0.61
C TYR B 319 2.28 31.59 0.78
N GLN B 320 1.99 31.89 2.04
CA GLN B 320 1.39 33.16 2.41
C GLN B 320 2.48 34.17 2.59
N PRO B 321 2.30 35.40 2.06
CA PRO B 321 3.34 36.39 2.17
C PRO B 321 3.48 36.86 3.59
N GLN B 322 4.71 37.20 3.96
CA GLN B 322 4.97 37.81 5.26
C GLN B 322 4.39 39.19 5.19
N GLN B 323 4.34 39.84 6.33
CA GLN B 323 3.63 41.12 6.39
C GLN B 323 4.09 42.12 5.34
N GLY B 324 3.14 42.66 4.59
CA GLY B 324 3.46 43.69 3.62
C GLY B 324 3.92 43.21 2.27
N GLU B 325 4.12 41.89 2.12
CA GLU B 325 4.72 41.36 0.92
C GLU B 325 3.69 40.96 -0.13
N ASN B 326 4.14 40.91 -1.37
CA ASN B 326 3.43 40.27 -2.48
C ASN B 326 3.56 38.75 -2.35
N ILE B 327 2.56 38.02 -2.82
CA ILE B 327 2.63 36.56 -2.80
C ILE B 327 3.90 35.99 -3.43
N THR B 328 4.47 36.67 -4.43
CA THR B 328 5.72 36.20 -5.04
CA THR B 328 5.70 36.15 -5.04
C THR B 328 6.80 35.87 -4.01
N ASP B 329 6.82 36.64 -2.92
CA ASP B 329 7.93 36.61 -1.96
C ASP B 329 7.58 35.88 -0.65
N ALA B 330 6.54 35.06 -0.68
CA ALA B 330 6.29 34.14 0.43
C ALA B 330 7.56 33.32 0.67
N ASN B 331 7.87 33.13 1.95
CA ASN B 331 8.91 32.20 2.35
C ASN B 331 8.51 30.74 2.05
N ILE B 332 9.48 29.85 2.06
CA ILE B 332 9.25 28.44 1.83
C ILE B 332 9.50 27.73 3.15
N PRO B 333 8.49 27.03 3.68
CA PRO B 333 8.64 26.29 4.92
C PRO B 333 9.23 24.92 4.63
N LEU B 334 10.52 24.90 4.36
CA LEU B 334 11.11 23.76 3.69
C LEU B 334 11.25 22.52 4.60
N ILE B 335 11.63 22.70 5.88
CA ILE B 335 11.65 21.61 6.83
C ILE B 335 10.86 22.07 8.06
N ARG B 336 9.80 21.33 8.37
CA ARG B 336 8.94 21.62 9.50
C ARG B 336 9.04 20.58 10.60
N LEU B 337 8.81 21.03 11.83
CA LEU B 337 8.69 20.14 12.98
C LEU B 337 7.63 19.05 12.79
N SER B 338 6.55 19.37 12.09
CA SER B 338 5.52 18.38 11.80
C SER B 338 6.12 17.20 11.08
N GLU B 339 7.10 17.43 10.19
CA GLU B 339 7.76 16.27 9.51
C GLU B 339 8.51 15.38 10.48
N ALA B 340 9.16 15.97 11.47
CA ALA B 340 9.86 15.15 12.44
C ALA B 340 8.90 14.21 13.15
N TYR B 341 7.71 14.70 13.48
CA TYR B 341 6.70 13.87 14.13
C TYR B 341 6.31 12.73 13.18
N LEU B 342 6.06 13.08 11.93
CA LEU B 342 5.63 12.11 10.93
C LEU B 342 6.69 11.08 10.65
N ASN B 343 7.96 11.52 10.70
CA ASN B 343 9.07 10.62 10.47
C ASN B 343 9.21 9.67 11.65
N ALA B 344 9.05 10.19 12.86
CA ALA B 344 9.12 9.34 14.08
C ALA B 344 8.01 8.29 14.05
N ALA B 345 6.80 8.75 13.71
CA ALA B 345 5.67 7.87 13.59
C ALA B 345 5.88 6.69 12.60
N GLU B 346 6.38 7.00 11.40
CA GLU B 346 6.65 6.00 10.39
C GLU B 346 7.74 5.04 10.87
N ALA B 347 8.81 5.60 11.44
CA ALA B 347 9.93 4.77 11.92
C ALA B 347 9.49 3.80 13.03
N ALA B 348 8.66 4.30 13.94
CA ALA B 348 8.10 3.50 15.04
C ALA B 348 7.21 2.37 14.53
N VAL B 349 6.38 2.66 13.50
CA VAL B 349 5.53 1.63 12.87
C VAL B 349 6.44 0.56 12.28
N GLN B 350 7.44 1.00 11.53
CA GLN B 350 8.35 0.09 10.87
C GLN B 350 9.29 -0.64 11.84
N THR B 351 9.45 -0.16 13.07
CA THR B 351 10.25 -0.90 14.03
C THR B 351 9.41 -1.73 15.02
N GLY B 352 8.12 -1.80 14.81
CA GLY B 352 7.23 -2.51 15.72
C GLY B 352 6.92 -1.80 17.04
N ASP B 353 7.13 -0.48 17.15
CA ASP B 353 6.78 0.20 18.41
C ASP B 353 5.50 0.94 18.24
N ASN B 354 4.38 0.23 18.42
CA ASN B 354 3.10 0.85 18.09
C ASN B 354 2.77 1.98 19.07
N ALA B 355 3.13 1.83 20.35
CA ALA B 355 2.86 2.90 21.33
C ALA B 355 3.48 4.23 20.93
N LYS B 356 4.72 4.17 20.46
CA LYS B 356 5.42 5.36 20.00
C LYS B 356 4.77 5.91 18.74
N ALA B 357 4.39 5.01 17.82
CA ALA B 357 3.73 5.43 16.58
C ALA B 357 2.47 6.25 16.90
N VAL B 358 1.69 5.75 17.84
CA VAL B 358 0.45 6.41 18.30
C VAL B 358 0.80 7.75 18.87
N LYS B 359 1.80 7.77 19.74
CA LYS B 359 2.21 9.00 20.42
C LYS B 359 2.54 10.10 19.42
N TYR B 360 3.39 9.81 18.45
CA TYR B 360 3.78 10.85 17.51
C TYR B 360 2.71 11.25 16.49
N LEU B 361 2.04 10.23 15.93
CA LEU B 361 1.03 10.45 14.94
C LEU B 361 -0.13 11.19 15.53
N ASN B 362 -0.52 10.88 16.77
CA ASN B 362 -1.66 11.56 17.37
C ASN B 362 -1.42 13.05 17.51
N SER B 363 -0.17 13.46 17.72
CA SER B 363 0.09 14.88 17.77
C SER B 363 -0.34 15.57 16.51
N ILE B 364 -0.15 14.94 15.35
CA ILE B 364 -0.49 15.58 14.07
C ILE B 364 -2.00 15.49 13.86
N VAL B 365 -2.55 14.30 14.13
CA VAL B 365 -3.97 14.02 13.98
C VAL B 365 -4.78 14.98 14.81
N GLN B 366 -4.41 15.15 16.10
CA GLN B 366 -5.17 15.96 17.04
C GLN B 366 -5.02 17.46 16.79
N ARG B 367 -3.88 17.87 16.24
CA ARG B 367 -3.71 19.22 15.80
C ARG B 367 -4.64 19.59 14.61
N ALA B 368 -4.88 18.62 13.72
CA ALA B 368 -5.76 18.80 12.58
C ALA B 368 -7.24 18.84 13.02
N ASN B 369 -7.60 18.00 13.99
CA ASN B 369 -8.93 18.00 14.56
C ASN B 369 -8.88 17.40 15.96
N PRO B 370 -9.06 18.22 17.02
CA PRO B 370 -8.87 17.62 18.34
C PRO B 370 -9.92 16.58 18.74
N GLU B 371 -11.00 16.39 17.97
CA GLU B 371 -11.97 15.34 18.29
CA GLU B 371 -11.99 15.35 18.27
C GLU B 371 -11.51 13.98 17.78
N ASN B 372 -10.51 13.97 16.89
CA ASN B 372 -9.92 12.73 16.40
C ASN B 372 -8.83 12.21 17.31
N SER B 373 -8.58 10.91 17.20
CA SER B 373 -7.54 10.27 17.95
C SER B 373 -7.17 8.94 17.30
N VAL B 374 -5.90 8.59 17.33
CA VAL B 374 -5.45 7.26 16.92
C VAL B 374 -5.07 6.33 18.12
N GLU B 375 -5.34 6.79 19.33
CA GLU B 375 -5.22 5.94 20.50
C GLU B 375 -6.04 4.66 20.35
N GLY B 376 -5.44 3.54 20.69
CA GLY B 376 -6.11 2.27 20.57
C GLY B 376 -6.01 1.62 19.18
N LYS B 377 -5.36 2.28 18.22
CA LYS B 377 -5.19 1.70 16.86
C LYS B 377 -3.87 0.96 16.76
N THR B 378 -3.82 -0.06 15.92
CA THR B 378 -2.56 -0.64 15.51
C THR B 378 -2.23 0.00 14.18
N LEU B 379 -1.30 0.95 14.23
CA LEU B 379 -0.98 1.78 13.07
C LEU B 379 -0.16 1.02 12.04
N THR B 380 -0.44 1.34 10.80
CA THR B 380 0.19 0.74 9.66
C THR B 380 0.99 1.84 8.94
N LEU B 381 1.89 1.43 8.06
CA LEU B 381 2.60 2.41 7.23
C LEU B 381 1.66 3.28 6.40
N GLU B 382 0.66 2.63 5.79
CA GLU B 382 -0.36 3.34 5.00
C GLU B 382 -1.12 4.38 5.84
N ASN B 383 -1.43 4.04 7.09
CA ASN B 383 -2.01 4.99 8.03
C ASN B 383 -1.15 6.25 8.17
N VAL B 384 0.14 6.06 8.37
CA VAL B 384 1.03 7.18 8.59
C VAL B 384 1.17 8.00 7.32
N LEU B 385 1.35 7.36 6.17
CA LEU B 385 1.48 8.07 4.90
C LEU B 385 0.20 8.83 4.51
N ASP B 386 -0.96 8.31 4.94
CA ASP B 386 -2.24 9.00 4.66
C ASP B 386 -2.34 10.25 5.53
N GLU B 387 -1.73 10.23 6.72
CA GLU B 387 -1.65 11.48 7.52
C GLU B 387 -0.59 12.40 6.91
N ARG B 388 0.53 11.82 6.51
CA ARG B 388 1.60 12.58 5.92
C ARG B 388 1.19 13.39 4.68
N ARG B 389 0.38 12.80 3.84
CA ARG B 389 -0.02 13.40 2.55
C ARG B 389 -0.95 14.58 2.77
N LYS B 390 -1.72 14.51 3.83
CA LYS B 390 -2.58 15.62 4.20
C LYS B 390 -1.74 16.74 4.78
N GLU B 391 -0.73 16.37 5.57
CA GLU B 391 0.07 17.38 6.27
C GLU B 391 1.05 18.08 5.34
N LEU B 392 1.60 17.37 4.35
CA LEU B 392 2.75 17.87 3.60
C LEU B 392 2.42 18.22 2.11
N VAL B 393 1.14 18.25 1.76
CA VAL B 393 0.68 18.62 0.41
C VAL B 393 1.27 19.99 0.04
N ALA B 394 1.79 20.10 -1.20
CA ALA B 394 2.46 21.30 -1.74
C ALA B 394 3.83 21.60 -1.16
N GLU B 395 4.40 20.67 -0.37
CA GLU B 395 5.77 20.83 0.16
C GLU B 395 6.75 19.81 -0.40
N GLY B 396 6.34 19.07 -1.44
CA GLY B 396 7.27 18.36 -2.27
C GLY B 396 7.61 16.93 -1.89
N HIS B 397 6.72 16.25 -1.17
CA HIS B 397 6.93 14.87 -0.64
C HIS B 397 6.22 13.71 -1.33
N ARG B 398 4.99 13.95 -1.83
CA ARG B 398 4.03 12.86 -2.08
C ARG B 398 4.51 11.74 -3.02
N TYR B 400 7.47 10.90 -3.95
CA TYR B 400 8.59 10.19 -3.38
C TYR B 400 8.17 9.23 -2.26
N ASP B 401 7.16 9.63 -1.47
CA ASP B 401 6.73 8.85 -0.31
C ASP B 401 5.99 7.56 -0.73
N VAL B 402 5.20 7.66 -1.80
CA VAL B 402 4.58 6.47 -2.40
C VAL B 402 5.63 5.57 -3.04
N ILE B 403 6.45 6.12 -3.91
CA ILE B 403 7.36 5.35 -4.72
C ILE B 403 8.46 4.64 -3.91
N ARG B 404 8.96 5.31 -2.86
CA ARG B 404 10.10 4.79 -2.09
C ARG B 404 9.71 3.59 -1.23
N ASN B 405 8.42 3.42 -0.99
CA ASN B 405 7.89 2.30 -0.27
C ASN B 405 7.42 1.14 -1.15
N GLY B 406 7.73 1.18 -2.45
CA GLY B 406 7.29 0.08 -3.31
C GLY B 406 5.80 0.09 -3.61
N THR B 408 2.32 1.95 -5.51
CA THR B 408 1.98 2.46 -6.81
C THR B 408 1.24 3.75 -6.71
N VAL B 409 1.70 4.76 -7.42
CA VAL B 409 0.96 6.02 -7.49
C VAL B 409 -0.22 5.74 -8.41
N LYS B 410 -1.42 6.05 -7.92
CA LYS B 410 -2.66 5.85 -8.66
C LYS B 410 -3.47 7.15 -8.66
N ARG B 411 -3.36 7.86 -9.76
CA ARG B 411 -4.16 9.03 -10.04
C ARG B 411 -5.57 8.54 -10.29
N ILE B 412 -6.55 9.21 -9.68
CA ILE B 412 -7.95 8.80 -9.74
C ILE B 412 -8.78 9.88 -10.46
N ASP B 413 -9.48 9.52 -11.52
CA ASP B 413 -10.20 10.57 -12.24
C ASP B 413 -11.61 10.56 -11.65
N VAL B 414 -11.78 11.35 -10.62
CA VAL B 414 -13.08 11.61 -10.05
C VAL B 414 -13.32 13.07 -10.31
N LYS B 415 -14.58 13.46 -10.28
CA LYS B 415 -14.92 14.85 -10.45
C LYS B 415 -15.50 15.36 -9.16
N ASP B 416 -15.41 16.67 -8.97
CA ASP B 416 -16.05 17.30 -7.83
C ASP B 416 -16.64 18.61 -8.27
N SER B 417 -17.91 18.84 -7.93
CA SER B 417 -18.60 20.05 -8.37
C SER B 417 -18.13 21.35 -7.72
N ASP B 418 -17.52 21.29 -6.53
CA ASP B 418 -16.91 22.49 -5.94
C ASP B 418 -15.56 22.94 -6.59
N ILE B 419 -14.92 22.06 -7.36
CA ILE B 419 -13.74 22.40 -8.17
C ILE B 419 -13.91 21.83 -9.60
N ASN B 420 -14.86 22.41 -10.31
CA ASN B 420 -15.44 21.75 -11.45
C ASN B 420 -14.61 21.86 -12.74
N LYS B 421 -13.50 22.62 -12.71
CA LYS B 421 -12.52 22.66 -13.87
C LYS B 421 -11.30 21.76 -13.62
N THR B 422 -11.25 21.13 -12.47
CA THR B 422 -10.13 20.27 -12.09
C THR B 422 -10.39 18.86 -12.60
N LYS B 423 -9.53 18.43 -13.52
CA LYS B 423 -9.60 17.11 -14.13
CA LYS B 423 -9.58 17.10 -14.07
C LYS B 423 -8.18 16.69 -14.49
N HIS B 424 -7.91 15.39 -14.46
CA HIS B 424 -6.67 14.87 -14.99
C HIS B 424 -6.64 15.01 -16.50
N ASN B 425 -5.42 15.11 -16.99
CA ASN B 425 -5.13 15.29 -18.41
C ASN B 425 -3.72 14.74 -18.61
N THR B 426 -3.62 13.42 -18.65
CA THR B 426 -2.33 12.78 -18.71
C THR B 426 -2.43 11.36 -19.23
N ALA B 427 -1.40 10.91 -19.97
CA ALA B 427 -1.27 9.51 -20.40
C ALA B 427 -0.91 8.60 -19.22
N TYR B 428 -0.48 9.16 -18.10
CA TYR B 428 0.12 8.33 -17.05
C TYR B 428 -0.69 8.47 -15.76
N GLU B 430 -1.14 5.48 -13.47
CA GLU B 430 -0.69 4.56 -12.42
C GLU B 430 0.71 4.17 -12.73
N TYR B 431 1.58 4.27 -11.75
CA TYR B 431 3.01 3.94 -11.99
C TYR B 431 3.71 3.68 -10.65
N ASP B 432 4.72 2.81 -10.71
CA ASP B 432 5.51 2.47 -9.55
C ASP B 432 6.99 2.76 -9.82
N TRP B 433 7.89 2.18 -9.02
CA TRP B 433 9.31 2.45 -9.21
C TRP B 433 9.91 1.73 -10.46
N ASN B 434 9.09 1.00 -11.21
CA ASN B 434 9.47 0.54 -12.54
C ASN B 434 9.14 1.52 -13.70
N PHE B 435 8.44 2.61 -13.42
CA PHE B 435 8.14 3.61 -14.46
C PHE B 435 9.40 4.44 -14.73
N HIS B 436 9.91 4.42 -15.97
CA HIS B 436 11.22 5.05 -16.21
C HIS B 436 11.16 6.55 -16.03
N LYS B 437 9.98 7.14 -16.14
CA LYS B 437 9.90 8.60 -16.12
C LYS B 437 9.66 9.18 -14.75
N ILE B 438 9.67 8.37 -13.68
CA ILE B 438 9.76 8.96 -12.33
C ILE B 438 11.09 9.70 -12.11
N LEU B 439 12.11 9.35 -12.89
CA LEU B 439 13.41 10.04 -12.86
C LEU B 439 13.44 11.03 -14.02
N LEU B 440 14.00 12.20 -13.79
CA LEU B 440 14.30 13.12 -14.90
C LEU B 440 15.43 12.50 -15.69
N PRO B 441 15.49 12.78 -17.02
CA PRO B 441 16.67 12.36 -17.76
C PRO B 441 17.87 13.22 -17.35
N ILE B 442 19.07 12.67 -17.53
CA ILE B 442 20.27 13.43 -17.34
C ILE B 442 20.21 14.51 -18.42
N PRO B 443 20.46 15.77 -18.04
CA PRO B 443 20.32 16.85 -18.99
C PRO B 443 21.25 16.74 -20.20
N LYS B 444 20.74 17.22 -21.32
CA LYS B 444 21.47 17.13 -22.58
C LYS B 444 22.84 17.80 -22.48
N LYS B 445 22.90 19.00 -21.94
CA LYS B 445 24.19 19.68 -21.83
C LYS B 445 25.22 18.83 -21.06
N GLU B 446 24.78 18.12 -20.03
CA GLU B 446 25.68 17.25 -19.30
C GLU B 446 26.06 16.04 -20.14
N ASP B 448 26.11 15.74 -23.39
CA ASP B 448 26.94 16.19 -24.50
C ASP B 448 28.38 16.45 -24.03
N ALA B 449 28.56 17.02 -22.84
CA ALA B 449 29.91 17.39 -22.35
C ALA B 449 30.71 16.23 -21.76
N ASN B 450 30.03 15.20 -21.24
CA ASN B 450 30.66 14.21 -20.38
C ASN B 450 30.45 12.82 -20.96
N PRO B 451 31.45 12.31 -21.66
CA PRO B 451 31.36 10.96 -22.25
C PRO B 451 31.22 9.80 -21.24
N ASN B 452 31.49 10.04 -19.96
CA ASN B 452 31.32 9.01 -18.93
C ASN B 452 29.95 9.01 -18.26
N LYS B 454 26.12 8.27 -18.13
CA LYS B 454 25.15 7.30 -18.68
C LYS B 454 23.76 7.86 -18.49
N GLN B 455 22.97 7.85 -19.56
CA GLN B 455 21.57 8.27 -19.50
C GLN B 455 20.71 7.31 -18.66
N ASN B 456 19.65 7.86 -18.06
CA ASN B 456 18.68 7.04 -17.38
C ASN B 456 17.95 6.12 -18.37
N PRO B 457 17.55 4.93 -17.91
CA PRO B 457 16.91 3.93 -18.77
C PRO B 457 15.61 4.45 -19.40
N GLY B 458 15.35 4.02 -20.63
CA GLY B 458 14.14 4.41 -21.38
C GLY B 458 14.13 5.80 -21.99
N TYR B 459 15.20 6.56 -21.78
CA TYR B 459 15.33 7.89 -22.38
C TYR B 459 16.20 7.96 -23.62
N VAL B 460 17.10 7.00 -23.78
CA VAL B 460 17.72 6.79 -25.07
C VAL B 460 16.82 5.82 -25.85
N ASP B 461 16.50 6.19 -27.08
CA ASP B 461 15.87 5.26 -28.01
C ASP B 461 16.89 5.05 -29.10
#